data_6ZG1
#
_entry.id   6ZG1
#
loop_
_entity.id
_entity.type
_entity.pdbx_description
1 polymer 'Sterile alpha and TIR motif-containing protein 1'
2 non-polymer 1,2-ETHANEDIOL
3 non-polymer BETA-MERCAPTOETHANOL
4 non-polymer DI(HYDROXYETHYL)ETHER
5 non-polymer 'TRIETHYLENE GLYCOL'
#
_entity_poly.entity_id   1
_entity_poly.type   'polypeptide(L)'
_entity_poly.pdbx_seq_one_letter_code
;GSSALAKRALRLLGEEVPRPILPSVPSWKEAEVQTWLQQIGFSKYCESFREQQVDGDLLLRLTEEELQTDLGMKSGITRK
RFFRELTELKTFANYSTCDRSNLADWLGSLDPRFRQYTYGLVSCGLDRSLLHRVSEQQLLEDCGIHLGVHRARILTAARE
MLHS
;
_entity_poly.pdbx_strand_id   A,B,C,D,E,F,G,H
#
# COMPACT_ATOMS: atom_id res chain seq x y z
N PRO A 20 -26.61 -42.04 17.58
CA PRO A 20 -25.89 -42.56 18.75
C PRO A 20 -25.49 -41.44 19.71
N ILE A 21 -24.42 -41.69 20.50
CA ILE A 21 -23.82 -40.67 21.37
C ILE A 21 -22.78 -39.90 20.57
N LEU A 22 -22.79 -38.57 20.73
CA LEU A 22 -21.95 -37.63 20.02
C LEU A 22 -20.57 -37.64 20.67
N PRO A 23 -19.46 -37.68 19.90
CA PRO A 23 -18.13 -37.78 20.47
C PRO A 23 -17.72 -36.49 21.19
N SER A 24 -16.97 -36.66 22.29
CA SER A 24 -16.52 -35.55 23.12
C SER A 24 -15.19 -35.01 22.60
N VAL A 25 -15.26 -34.32 21.47
CA VAL A 25 -14.09 -33.94 20.71
C VAL A 25 -13.20 -33.04 21.55
N PRO A 26 -13.74 -32.07 22.34
CA PRO A 26 -12.92 -31.23 23.22
C PRO A 26 -11.95 -32.00 24.12
N SER A 27 -12.28 -33.24 24.47
CA SER A 27 -11.46 -34.07 25.37
C SER A 27 -10.63 -35.09 24.61
N TRP A 28 -10.75 -35.12 23.28
CA TRP A 28 -10.03 -36.09 22.47
C TRP A 28 -8.52 -35.94 22.67
N LYS A 29 -7.80 -37.07 22.64
CA LYS A 29 -6.35 -37.04 22.63
C LYS A 29 -5.87 -37.37 21.23
N GLU A 30 -4.54 -37.30 21.03
CA GLU A 30 -3.92 -37.55 19.74
C GLU A 30 -4.47 -38.82 19.08
N ALA A 31 -4.63 -39.88 19.89
CA ALA A 31 -5.01 -41.18 19.39
C ALA A 31 -6.41 -41.14 18.77
N GLU A 32 -7.34 -40.38 19.35
CA GLU A 32 -8.71 -40.29 18.84
C GLU A 32 -8.74 -39.47 17.55
N VAL A 33 -7.86 -38.45 17.48
CA VAL A 33 -7.73 -37.64 16.29
C VAL A 33 -7.21 -38.51 15.14
N GLN A 34 -6.23 -39.36 15.45
CA GLN A 34 -5.65 -40.30 14.50
C GLN A 34 -6.74 -41.21 13.93
N THR A 35 -7.58 -41.76 14.81
CA THR A 35 -8.65 -42.67 14.44
C THR A 35 -9.60 -41.96 13.46
N TRP A 36 -9.97 -40.72 13.81
CA TRP A 36 -10.89 -39.95 13.00
C TRP A 36 -10.33 -39.66 11.59
N LEU A 37 -9.03 -39.37 11.49
CA LEU A 37 -8.39 -39.13 10.21
C LEU A 37 -8.51 -40.36 9.32
N GLN A 38 -8.32 -41.55 9.89
CA GLN A 38 -8.46 -42.81 9.18
C GLN A 38 -9.89 -42.95 8.64
N GLN A 39 -10.87 -42.75 9.52
CA GLN A 39 -12.27 -42.89 9.17
C GLN A 39 -12.68 -41.99 8.00
N ILE A 40 -12.08 -40.81 7.88
CA ILE A 40 -12.55 -39.84 6.88
C ILE A 40 -11.69 -39.93 5.62
N GLY A 41 -10.75 -40.88 5.60
CA GLY A 41 -9.90 -41.10 4.44
C GLY A 41 -8.75 -40.11 4.32
N PHE A 42 -8.21 -39.66 5.45
CA PHE A 42 -7.10 -38.73 5.45
C PHE A 42 -5.88 -39.34 6.15
N SER A 43 -5.74 -40.66 6.04
CA SER A 43 -4.66 -41.45 6.60
C SER A 43 -3.31 -40.85 6.21
N LYS A 44 -3.26 -40.31 4.98
CA LYS A 44 -2.04 -39.74 4.45
C LYS A 44 -1.51 -38.65 5.41
N TYR A 45 -2.38 -38.03 6.20
CA TYR A 45 -2.00 -36.89 7.04
C TYR A 45 -1.77 -37.29 8.49
N CYS A 46 -1.96 -38.57 8.82
CA CYS A 46 -1.80 -39.07 10.19
C CYS A 46 -0.43 -38.70 10.76
N GLU A 47 0.63 -38.87 9.96
CA GLU A 47 1.98 -38.62 10.43
CA GLU A 47 1.98 -38.62 10.42
C GLU A 47 2.15 -37.15 10.83
N SER A 48 1.73 -36.21 9.98
CA SER A 48 1.84 -34.78 10.26
C SER A 48 1.08 -34.43 11.54
N PHE A 49 -0.15 -34.96 11.69
CA PHE A 49 -1.00 -34.68 12.83
C PHE A 49 -0.35 -35.21 14.10
N ARG A 50 0.36 -36.35 13.98
CA ARG A 50 1.04 -36.99 15.10
CA ARG A 50 1.04 -36.99 15.10
C ARG A 50 2.24 -36.14 15.49
N GLU A 51 3.07 -35.77 14.51
CA GLU A 51 4.28 -34.97 14.69
C GLU A 51 3.91 -33.65 15.38
N GLN A 52 2.78 -33.05 14.98
CA GLN A 52 2.36 -31.74 15.46
C GLN A 52 1.52 -31.86 16.74
N GLN A 53 1.21 -33.09 17.13
CA GLN A 53 0.58 -33.41 18.40
C GLN A 53 -0.82 -32.81 18.49
N VAL A 54 -1.59 -33.00 17.40
CA VAL A 54 -2.94 -32.46 17.32
C VAL A 54 -3.89 -33.30 18.18
N ASP A 55 -4.47 -32.66 19.20
CA ASP A 55 -5.50 -33.26 20.03
C ASP A 55 -6.83 -32.60 19.67
N GLY A 56 -7.86 -32.93 20.44
CA GLY A 56 -9.20 -32.41 20.22
C GLY A 56 -9.28 -30.89 20.16
N ASP A 57 -8.72 -30.25 21.18
CA ASP A 57 -8.72 -28.82 21.30
C ASP A 57 -8.09 -28.17 20.06
N LEU A 58 -6.94 -28.70 19.62
CA LEU A 58 -6.24 -28.12 18.49
C LEU A 58 -6.99 -28.41 17.18
N LEU A 59 -7.56 -29.61 17.08
CA LEU A 59 -8.34 -29.97 15.90
C LEU A 59 -9.52 -29.01 15.74
N LEU A 60 -10.23 -28.72 16.84
CA LEU A 60 -11.37 -27.84 16.77
C LEU A 60 -10.99 -26.41 16.37
N ARG A 61 -9.75 -26.02 16.65
CA ARG A 61 -9.30 -24.66 16.47
C ARG A 61 -8.42 -24.49 15.24
N LEU A 62 -8.30 -25.56 14.43
CA LEU A 62 -7.43 -25.60 13.26
C LEU A 62 -7.82 -24.52 12.25
N THR A 63 -6.81 -23.82 11.72
CA THR A 63 -7.00 -22.79 10.71
C THR A 63 -6.47 -23.27 9.36
N GLU A 64 -6.92 -22.61 8.28
CA GLU A 64 -6.41 -22.78 6.93
C GLU A 64 -4.88 -22.75 6.95
N GLU A 65 -4.31 -21.72 7.59
CA GLU A 65 -2.88 -21.46 7.66
C GLU A 65 -2.13 -22.65 8.29
N GLU A 66 -2.61 -23.13 9.43
CA GLU A 66 -1.97 -24.23 10.12
C GLU A 66 -2.02 -25.50 9.27
N LEU A 67 -3.14 -25.68 8.57
CA LEU A 67 -3.39 -26.88 7.77
C LEU A 67 -2.39 -26.90 6.61
N GLN A 68 -2.17 -25.72 6.00
CA GLN A 68 -1.32 -25.61 4.83
C GLN A 68 0.15 -25.69 5.23
N THR A 69 0.58 -24.82 6.16
CA THR A 69 1.98 -24.65 6.50
C THR A 69 2.49 -25.71 7.48
N ASP A 70 1.75 -25.97 8.56
CA ASP A 70 2.27 -26.82 9.63
C ASP A 70 1.91 -28.29 9.38
N LEU A 71 0.82 -28.56 8.67
CA LEU A 71 0.39 -29.94 8.48
C LEU A 71 0.63 -30.42 7.04
N GLY A 72 1.06 -29.49 6.15
CA GLY A 72 1.54 -29.82 4.82
C GLY A 72 0.43 -30.17 3.83
N MET A 73 -0.76 -29.61 4.04
CA MET A 73 -1.86 -29.86 3.14
C MET A 73 -1.89 -28.73 2.10
N LYS A 74 -1.14 -28.91 1.01
CA LYS A 74 -0.80 -27.88 0.04
C LYS A 74 -2.01 -27.46 -0.79
N SER A 75 -2.87 -28.41 -1.15
CA SER A 75 -4.00 -28.14 -2.04
C SER A 75 -5.16 -27.43 -1.32
N GLY A 76 -5.63 -26.33 -1.94
CA GLY A 76 -6.82 -25.62 -1.45
C GLY A 76 -8.07 -26.51 -1.51
N ILE A 77 -8.10 -27.40 -2.51
CA ILE A 77 -9.22 -28.29 -2.70
C ILE A 77 -9.21 -29.35 -1.59
N THR A 78 -8.03 -29.92 -1.31
CA THR A 78 -7.89 -30.90 -0.25
C THR A 78 -8.27 -30.29 1.10
N ARG A 79 -7.83 -29.05 1.35
CA ARG A 79 -8.19 -28.36 2.58
C ARG A 79 -9.70 -28.19 2.68
N LYS A 80 -10.33 -27.86 1.54
CA LYS A 80 -11.78 -27.71 1.51
C LYS A 80 -12.45 -29.03 1.88
N ARG A 81 -11.93 -30.16 1.35
CA ARG A 81 -12.48 -31.47 1.65
CA ARG A 81 -12.47 -31.47 1.65
C ARG A 81 -12.32 -31.73 3.15
N PHE A 82 -11.15 -31.35 3.69
CA PHE A 82 -10.86 -31.57 5.09
C PHE A 82 -11.85 -30.81 5.97
N PHE A 83 -12.04 -29.53 5.67
CA PHE A 83 -12.93 -28.68 6.45
C PHE A 83 -14.38 -29.12 6.34
N ARG A 84 -14.70 -29.80 5.24
CA ARG A 84 -16.03 -30.32 5.03
C ARG A 84 -16.28 -31.42 6.08
N GLU A 85 -15.28 -32.27 6.30
CA GLU A 85 -15.32 -33.33 7.31
C GLU A 85 -15.26 -32.75 8.72
N LEU A 86 -14.40 -31.76 8.95
CA LEU A 86 -14.28 -31.14 10.26
C LEU A 86 -15.58 -30.45 10.69
N THR A 87 -16.23 -29.78 9.74
CA THR A 87 -17.51 -29.13 10.01
C THR A 87 -18.58 -30.14 10.43
N GLU A 88 -18.60 -31.32 9.79
CA GLU A 88 -19.48 -32.41 10.13
C GLU A 88 -19.21 -32.80 11.58
N LEU A 89 -17.93 -33.06 11.92
CA LEU A 89 -17.54 -33.47 13.25
C LEU A 89 -17.97 -32.41 14.26
N LYS A 90 -17.72 -31.14 13.95
CA LYS A 90 -18.07 -30.06 14.86
C LYS A 90 -19.57 -30.00 15.06
N THR A 91 -20.35 -30.34 14.02
CA THR A 91 -21.80 -30.22 14.03
C THR A 91 -22.44 -31.25 14.98
N PHE A 92 -21.80 -32.42 15.06
CA PHE A 92 -22.31 -33.55 15.83
C PHE A 92 -21.35 -33.91 16.98
N ALA A 93 -20.73 -32.89 17.60
CA ALA A 93 -19.85 -33.16 18.73
C ALA A 93 -20.59 -32.85 20.03
N ASN A 94 -20.11 -33.49 21.11
CA ASN A 94 -20.56 -33.20 22.44
C ASN A 94 -19.67 -32.13 23.10
N TYR A 95 -20.27 -30.98 23.44
CA TYR A 95 -19.54 -29.86 23.99
C TYR A 95 -19.80 -29.64 25.48
N SER A 96 -20.46 -30.60 26.13
CA SER A 96 -21.05 -30.38 27.44
C SER A 96 -20.00 -30.01 28.49
N THR A 97 -18.81 -30.62 28.43
CA THR A 97 -17.73 -30.33 29.35
C THR A 97 -17.38 -28.84 29.35
N CYS A 98 -17.42 -28.19 28.18
CA CYS A 98 -16.88 -26.84 28.01
CA CYS A 98 -16.87 -26.85 28.02
C CYS A 98 -17.98 -25.82 27.75
N ASP A 99 -19.24 -26.25 27.66
CA ASP A 99 -20.32 -25.37 27.26
C ASP A 99 -21.41 -25.33 28.33
N ARG A 100 -21.14 -24.61 29.43
CA ARG A 100 -22.00 -24.63 30.61
C ARG A 100 -23.39 -24.08 30.30
N SER A 101 -23.48 -23.05 29.47
CA SER A 101 -24.75 -22.38 29.23
C SER A 101 -25.50 -22.98 28.03
N ASN A 102 -24.97 -24.08 27.45
CA ASN A 102 -25.53 -24.78 26.31
C ASN A 102 -25.74 -23.85 25.11
N LEU A 103 -24.66 -23.19 24.67
CA LEU A 103 -24.66 -22.39 23.45
C LEU A 103 -24.91 -23.28 22.25
N ALA A 104 -24.46 -24.55 22.32
CA ALA A 104 -24.64 -25.53 21.26
C ALA A 104 -26.09 -25.58 20.80
N ASP A 105 -27.01 -25.76 21.75
CA ASP A 105 -28.43 -25.91 21.44
C ASP A 105 -29.03 -24.60 20.94
N TRP A 106 -28.60 -23.47 21.52
CA TRP A 106 -29.03 -22.16 21.06
C TRP A 106 -28.66 -21.94 19.59
N LEU A 107 -27.40 -22.22 19.23
CA LEU A 107 -26.92 -22.09 17.87
C LEU A 107 -27.67 -23.03 16.95
N GLY A 108 -27.83 -24.30 17.38
CA GLY A 108 -28.50 -25.33 16.61
C GLY A 108 -29.96 -24.99 16.29
N SER A 109 -30.63 -24.34 17.24
CA SER A 109 -32.03 -23.94 17.10
C SER A 109 -32.18 -22.87 16.01
N LEU A 110 -31.19 -21.98 15.91
CA LEU A 110 -31.13 -20.98 14.85
C LEU A 110 -31.00 -21.63 13.48
N ASP A 111 -30.07 -22.60 13.37
CA ASP A 111 -29.75 -23.32 12.16
C ASP A 111 -28.81 -24.46 12.56
N PRO A 112 -29.13 -25.74 12.25
CA PRO A 112 -28.25 -26.86 12.60
C PRO A 112 -26.78 -26.66 12.26
N ARG A 113 -26.52 -25.88 11.21
CA ARG A 113 -25.19 -25.68 10.69
C ARG A 113 -24.36 -24.77 11.60
N PHE A 114 -25.02 -24.04 12.51
CA PHE A 114 -24.36 -23.08 13.38
C PHE A 114 -23.77 -23.72 14.63
N ARG A 115 -24.19 -24.97 14.91
CA ARG A 115 -23.66 -25.75 16.02
C ARG A 115 -22.13 -25.85 15.92
N GLN A 116 -21.62 -25.80 14.69
CA GLN A 116 -20.21 -25.96 14.42
C GLN A 116 -19.37 -24.85 15.06
N TYR A 117 -19.99 -23.73 15.44
CA TYR A 117 -19.28 -22.58 15.97
C TYR A 117 -19.22 -22.59 17.51
N THR A 118 -19.72 -23.67 18.13
CA THR A 118 -19.77 -23.75 19.60
C THR A 118 -18.40 -23.51 20.23
N TYR A 119 -17.40 -24.27 19.80
CA TYR A 119 -16.08 -24.20 20.41
C TYR A 119 -15.42 -22.83 20.22
N GLY A 120 -15.63 -22.25 19.04
CA GLY A 120 -15.18 -20.90 18.78
C GLY A 120 -15.69 -19.94 19.85
N LEU A 121 -16.99 -20.03 20.20
CA LEU A 121 -17.60 -19.08 21.12
C LEU A 121 -17.15 -19.36 22.55
N VAL A 122 -17.13 -20.63 22.97
CA VAL A 122 -16.82 -20.94 24.36
C VAL A 122 -15.32 -20.74 24.65
N SER A 123 -14.48 -20.89 23.62
CA SER A 123 -13.05 -20.66 23.74
C SER A 123 -12.68 -19.20 24.05
N CYS A 124 -13.53 -18.24 23.68
CA CYS A 124 -13.35 -16.84 24.04
C CYS A 124 -14.01 -16.50 25.37
N GLY A 125 -14.62 -17.51 26.00
CA GLY A 125 -15.28 -17.34 27.30
C GLY A 125 -16.70 -16.78 27.19
N LEU A 126 -17.25 -16.76 25.97
CA LEU A 126 -18.64 -16.38 25.78
C LEU A 126 -19.58 -17.45 26.32
N ASP A 127 -20.77 -17.02 26.73
CA ASP A 127 -21.89 -17.87 27.11
C ASP A 127 -23.16 -17.13 26.67
N ARG A 128 -24.34 -17.71 26.94
CA ARG A 128 -25.61 -17.11 26.53
C ARG A 128 -25.70 -15.66 27.02
N SER A 129 -25.37 -15.44 28.30
CA SER A 129 -25.57 -14.13 28.93
C SER A 129 -24.69 -13.05 28.31
N LEU A 130 -23.50 -13.42 27.83
CA LEU A 130 -22.52 -12.45 27.34
C LEU A 130 -22.71 -12.17 25.85
N LEU A 131 -23.45 -13.06 25.20
CA LEU A 131 -23.50 -13.12 23.74
C LEU A 131 -24.03 -11.81 23.14
N HIS A 132 -24.96 -11.16 23.86
CA HIS A 132 -25.62 -9.96 23.40
C HIS A 132 -24.62 -8.83 23.10
N ARG A 133 -23.46 -8.84 23.77
CA ARG A 133 -22.53 -7.73 23.71
C ARG A 133 -21.51 -7.92 22.59
N VAL A 134 -21.50 -9.10 21.94
CA VAL A 134 -20.49 -9.42 20.95
C VAL A 134 -20.66 -8.55 19.69
N SER A 135 -19.55 -8.20 19.04
CA SER A 135 -19.52 -7.40 17.82
C SER A 135 -19.24 -8.30 16.61
N GLU A 136 -19.45 -7.75 15.41
CA GLU A 136 -19.18 -8.50 14.18
C GLU A 136 -17.69 -8.84 14.09
N GLN A 137 -16.83 -7.85 14.40
CA GLN A 137 -15.39 -8.04 14.34
CA GLN A 137 -15.39 -8.03 14.35
C GLN A 137 -14.98 -9.19 15.25
N GLN A 138 -15.51 -9.20 16.48
CA GLN A 138 -15.23 -10.24 17.45
C GLN A 138 -15.62 -11.63 16.94
N LEU A 139 -16.79 -11.75 16.29
CA LEU A 139 -17.22 -13.05 15.80
C LEU A 139 -16.27 -13.55 14.69
N LEU A 140 -15.72 -12.62 13.90
CA LEU A 140 -14.81 -12.95 12.81
C LEU A 140 -13.42 -13.27 13.37
N GLU A 141 -12.80 -12.33 14.10
CA GLU A 141 -11.40 -12.40 14.48
C GLU A 141 -11.19 -13.34 15.67
N ASP A 142 -12.04 -13.24 16.69
CA ASP A 142 -11.88 -13.99 17.94
C ASP A 142 -12.53 -15.37 17.83
N CYS A 143 -13.68 -15.49 17.17
CA CYS A 143 -14.46 -16.72 17.22
C CYS A 143 -14.29 -17.56 15.96
N GLY A 144 -13.74 -16.96 14.90
CA GLY A 144 -13.44 -17.70 13.68
C GLY A 144 -14.67 -18.02 12.82
N ILE A 145 -15.68 -17.16 12.84
CA ILE A 145 -16.85 -17.31 11.98
C ILE A 145 -16.61 -16.50 10.71
N HIS A 146 -16.30 -17.20 9.61
CA HIS A 146 -15.76 -16.61 8.39
C HIS A 146 -16.85 -16.10 7.45
N LEU A 147 -18.00 -16.78 7.42
CA LEU A 147 -19.12 -16.40 6.57
C LEU A 147 -19.89 -15.22 7.18
N GLY A 148 -19.92 -14.10 6.45
CA GLY A 148 -20.65 -12.89 6.86
C GLY A 148 -22.14 -13.16 7.14
N VAL A 149 -22.75 -13.97 6.29
CA VAL A 149 -24.14 -14.32 6.44
C VAL A 149 -24.38 -14.93 7.84
N HIS A 150 -23.50 -15.87 8.23
CA HIS A 150 -23.61 -16.59 9.50
C HIS A 150 -23.44 -15.61 10.65
N ARG A 151 -22.41 -14.75 10.54
CA ARG A 151 -22.12 -13.75 11.56
CA ARG A 151 -22.12 -13.75 11.56
C ARG A 151 -23.36 -12.91 11.80
N ALA A 152 -23.93 -12.37 10.72
CA ALA A 152 -25.06 -11.46 10.80
C ALA A 152 -26.26 -12.11 11.47
N ARG A 153 -26.56 -13.36 11.13
CA ARG A 153 -27.69 -14.06 11.70
C ARG A 153 -27.48 -14.30 13.20
N ILE A 154 -26.26 -14.69 13.57
CA ILE A 154 -25.94 -14.99 14.96
C ILE A 154 -26.01 -13.71 15.78
N LEU A 155 -25.45 -12.62 15.22
CA LEU A 155 -25.46 -11.31 15.85
C LEU A 155 -26.90 -10.85 16.13
N THR A 156 -27.73 -10.88 15.09
CA THR A 156 -29.12 -10.47 15.13
C THR A 156 -29.83 -11.20 16.26
N ALA A 157 -29.73 -12.54 16.27
CA ALA A 157 -30.44 -13.37 17.24
C ALA A 157 -29.93 -13.13 18.65
N ALA A 158 -28.68 -12.70 18.77
CA ALA A 158 -28.06 -12.50 20.06
C ALA A 158 -28.60 -11.25 20.72
N ARG A 159 -28.90 -10.23 19.89
CA ARG A 159 -29.35 -8.93 20.37
CA ARG A 159 -29.36 -8.93 20.37
C ARG A 159 -30.83 -9.00 20.81
N GLU A 160 -31.56 -9.99 20.30
CA GLU A 160 -33.00 -10.07 20.54
C GLU A 160 -33.32 -11.15 21.56
N MET A 161 -32.30 -11.71 22.24
CA MET A 161 -32.56 -12.68 23.29
C MET A 161 -32.37 -11.91 24.60
N LEU A 162 -31.63 -10.81 24.45
CA LEU A 162 -31.25 -9.81 25.44
C LEU A 162 -32.47 -9.36 26.26
N ARG B 8 -39.91 -20.28 -27.98
CA ARG B 8 -39.58 -21.71 -27.66
C ARG B 8 -38.08 -21.93 -27.86
N ALA B 9 -37.27 -20.94 -27.44
CA ALA B 9 -35.82 -20.97 -27.60
C ALA B 9 -35.20 -21.98 -26.61
N LEU B 10 -35.40 -23.28 -26.90
CA LEU B 10 -34.92 -24.38 -26.08
C LEU B 10 -33.83 -25.16 -26.82
N ARG B 11 -32.59 -24.68 -26.65
CA ARG B 11 -31.40 -25.31 -27.19
C ARG B 11 -30.98 -26.47 -26.29
N LEU B 12 -31.74 -26.68 -25.21
CA LEU B 12 -31.51 -27.75 -24.25
C LEU B 12 -31.84 -29.12 -24.87
N LEU B 13 -32.66 -29.09 -25.93
CA LEU B 13 -33.01 -30.28 -26.68
C LEU B 13 -32.02 -30.44 -27.84
N GLY B 14 -31.01 -29.56 -27.89
CA GLY B 14 -29.99 -29.56 -28.93
C GLY B 14 -28.89 -30.59 -28.65
N GLU B 15 -28.06 -30.84 -29.68
CA GLU B 15 -27.03 -31.87 -29.64
C GLU B 15 -25.79 -31.32 -28.93
N GLU B 16 -25.61 -29.99 -29.02
CA GLU B 16 -24.47 -29.27 -28.46
C GLU B 16 -24.43 -29.45 -26.93
N VAL B 17 -25.61 -29.42 -26.27
CA VAL B 17 -25.75 -29.28 -24.82
C VAL B 17 -25.38 -30.58 -24.11
N PRO B 18 -24.50 -30.56 -23.08
CA PRO B 18 -24.07 -31.77 -22.38
C PRO B 18 -25.24 -32.57 -21.78
N ARG B 19 -25.13 -33.89 -21.84
CA ARG B 19 -26.14 -34.84 -21.37
C ARG B 19 -25.66 -35.43 -20.05
N PRO B 20 -26.47 -35.63 -19.00
CA PRO B 20 -27.89 -35.30 -19.02
C PRO B 20 -28.17 -33.81 -18.92
N ILE B 21 -29.34 -33.38 -19.37
CA ILE B 21 -29.88 -32.09 -19.04
C ILE B 21 -30.56 -32.16 -17.67
N LEU B 22 -30.51 -31.01 -16.97
CA LEU B 22 -31.13 -30.78 -15.68
C LEU B 22 -30.52 -31.73 -14.64
N PRO B 23 -29.17 -31.80 -14.61
CA PRO B 23 -28.51 -32.78 -13.78
C PRO B 23 -28.48 -32.33 -12.32
N SER B 24 -28.43 -33.32 -11.43
CA SER B 24 -28.33 -33.08 -10.00
C SER B 24 -26.88 -32.95 -9.57
N VAL B 25 -26.29 -31.83 -9.99
CA VAL B 25 -24.85 -31.62 -9.83
C VAL B 25 -24.44 -31.68 -8.34
N PRO B 26 -25.23 -31.15 -7.37
CA PRO B 26 -24.85 -31.23 -5.97
C PRO B 26 -24.54 -32.64 -5.47
N SER B 27 -25.14 -33.63 -6.11
CA SER B 27 -24.96 -35.02 -5.69
C SER B 27 -23.96 -35.74 -6.56
N TRP B 28 -23.39 -35.06 -7.57
CA TRP B 28 -22.47 -35.69 -8.51
C TRP B 28 -21.25 -36.24 -7.77
N LYS B 29 -20.73 -37.34 -8.25
CA LYS B 29 -19.50 -37.88 -7.68
C LYS B 29 -18.42 -37.65 -8.74
N GLU B 30 -17.19 -38.05 -8.41
CA GLU B 30 -16.03 -37.90 -9.29
C GLU B 30 -16.31 -38.35 -10.72
N ALA B 31 -17.01 -39.47 -10.86
CA ALA B 31 -17.26 -40.09 -12.15
C ALA B 31 -18.12 -39.20 -13.04
N GLU B 32 -19.12 -38.55 -12.45
CA GLU B 32 -20.01 -37.70 -13.23
C GLU B 32 -19.31 -36.40 -13.64
N VAL B 33 -18.42 -35.91 -12.76
CA VAL B 33 -17.59 -34.76 -13.06
C VAL B 33 -16.70 -35.09 -14.27
N GLN B 34 -16.12 -36.30 -14.26
CA GLN B 34 -15.25 -36.78 -15.32
C GLN B 34 -15.98 -36.80 -16.65
N THR B 35 -17.21 -37.31 -16.64
CA THR B 35 -18.05 -37.39 -17.82
C THR B 35 -18.29 -36.00 -18.40
N TRP B 36 -18.63 -35.06 -17.51
CA TRP B 36 -18.92 -33.69 -17.93
C TRP B 36 -17.70 -33.01 -18.56
N LEU B 37 -16.50 -33.24 -17.98
CA LEU B 37 -15.27 -32.67 -18.51
C LEU B 37 -15.06 -33.14 -19.94
N GLN B 38 -15.32 -34.43 -20.21
CA GLN B 38 -15.21 -35.00 -21.55
C GLN B 38 -16.14 -34.31 -22.53
N GLN B 39 -17.41 -34.14 -22.13
CA GLN B 39 -18.42 -33.54 -22.98
C GLN B 39 -18.05 -32.11 -23.38
N ILE B 40 -17.36 -31.38 -22.50
CA ILE B 40 -17.17 -29.96 -22.76
C ILE B 40 -15.79 -29.75 -23.38
N GLY B 41 -15.07 -30.84 -23.65
CA GLY B 41 -13.77 -30.77 -24.31
C GLY B 41 -12.62 -30.39 -23.39
N PHE B 42 -12.70 -30.84 -22.14
CA PHE B 42 -11.68 -30.55 -21.14
C PHE B 42 -11.07 -31.86 -20.63
N SER B 43 -11.00 -32.87 -21.51
CA SER B 43 -10.46 -34.18 -21.17
CA SER B 43 -10.46 -34.18 -21.15
C SER B 43 -9.04 -34.05 -20.63
N LYS B 44 -8.32 -33.03 -21.11
CA LYS B 44 -6.94 -32.80 -20.70
C LYS B 44 -6.88 -32.62 -19.19
N TYR B 45 -7.97 -32.19 -18.55
CA TYR B 45 -7.96 -31.86 -17.13
C TYR B 45 -8.56 -32.97 -16.25
N CYS B 46 -9.02 -34.06 -16.90
CA CYS B 46 -9.61 -35.19 -16.20
C CYS B 46 -8.71 -35.70 -15.07
N GLU B 47 -7.42 -35.86 -15.36
CA GLU B 47 -6.47 -36.43 -14.42
CA GLU B 47 -6.49 -36.44 -14.41
C GLU B 47 -6.38 -35.58 -13.15
N SER B 48 -6.20 -34.24 -13.33
CA SER B 48 -6.13 -33.29 -12.21
C SER B 48 -7.39 -33.34 -11.33
N PHE B 49 -8.56 -33.32 -11.97
CA PHE B 49 -9.82 -33.33 -11.27
C PHE B 49 -9.99 -34.63 -10.50
N ARG B 50 -9.49 -35.75 -11.08
CA ARG B 50 -9.57 -37.06 -10.46
CA ARG B 50 -9.57 -37.06 -10.46
C ARG B 50 -8.66 -37.09 -9.23
N GLU B 51 -7.41 -36.66 -9.42
CA GLU B 51 -6.41 -36.65 -8.37
C GLU B 51 -6.90 -35.82 -7.19
N GLN B 52 -7.55 -34.69 -7.47
CA GLN B 52 -7.96 -33.73 -6.44
C GLN B 52 -9.33 -34.12 -5.87
N GLN B 53 -9.97 -35.14 -6.46
CA GLN B 53 -11.20 -35.70 -5.97
C GLN B 53 -12.34 -34.70 -6.05
N VAL B 54 -12.45 -34.01 -7.17
CA VAL B 54 -13.51 -33.04 -7.37
C VAL B 54 -14.83 -33.76 -7.61
N ASP B 55 -15.76 -33.52 -6.69
CA ASP B 55 -17.13 -33.97 -6.82
C ASP B 55 -18.03 -32.76 -7.10
N GLY B 56 -19.33 -33.01 -7.15
CA GLY B 56 -20.33 -32.00 -7.51
C GLY B 56 -20.27 -30.75 -6.66
N ASP B 57 -20.18 -30.98 -5.33
CA ASP B 57 -20.13 -29.91 -4.36
C ASP B 57 -18.87 -29.03 -4.59
N LEU B 58 -17.72 -29.66 -4.82
CA LEU B 58 -16.49 -28.91 -5.04
C LEU B 58 -16.51 -28.22 -6.41
N LEU B 59 -17.09 -28.89 -7.42
CA LEU B 59 -17.17 -28.33 -8.75
C LEU B 59 -17.97 -27.03 -8.70
N LEU B 60 -19.09 -27.06 -7.98
CA LEU B 60 -19.96 -25.88 -7.90
C LEU B 60 -19.29 -24.73 -7.17
N ARG B 61 -18.30 -25.04 -6.31
CA ARG B 61 -17.70 -24.06 -5.43
C ARG B 61 -16.31 -23.63 -5.93
N LEU B 62 -15.88 -24.20 -7.06
CA LEU B 62 -14.53 -23.99 -7.60
C LEU B 62 -14.24 -22.49 -7.83
N THR B 63 -13.06 -22.05 -7.43
CA THR B 63 -12.60 -20.68 -7.59
C THR B 63 -11.49 -20.59 -8.65
N GLU B 64 -11.26 -19.38 -9.16
CA GLU B 64 -10.17 -19.05 -10.07
C GLU B 64 -8.84 -19.60 -9.52
N GLU B 65 -8.58 -19.34 -8.25
CA GLU B 65 -7.37 -19.74 -7.55
C GLU B 65 -7.19 -21.26 -7.56
N GLU B 66 -8.25 -22.01 -7.22
CA GLU B 66 -8.17 -23.47 -7.18
C GLU B 66 -7.91 -24.04 -8.56
N LEU B 67 -8.54 -23.39 -9.55
CA LEU B 67 -8.49 -23.86 -10.92
C LEU B 67 -7.07 -23.70 -11.45
N GLN B 68 -6.44 -22.55 -11.13
CA GLN B 68 -5.08 -22.24 -11.58
C GLN B 68 -4.05 -23.09 -10.82
N THR B 69 -4.05 -23.02 -9.49
CA THR B 69 -3.01 -23.59 -8.66
C THR B 69 -3.19 -25.10 -8.43
N ASP B 70 -4.40 -25.52 -8.03
CA ASP B 70 -4.61 -26.90 -7.65
C ASP B 70 -4.93 -27.80 -8.84
N LEU B 71 -5.49 -27.23 -9.92
CA LEU B 71 -5.91 -28.06 -11.04
C LEU B 71 -5.03 -27.83 -12.26
N GLY B 72 -4.14 -26.84 -12.19
CA GLY B 72 -3.09 -26.67 -13.18
C GLY B 72 -3.57 -26.01 -14.47
N MET B 73 -4.63 -25.20 -14.37
CA MET B 73 -5.13 -24.51 -15.55
C MET B 73 -4.50 -23.09 -15.59
N LYS B 74 -3.32 -23.00 -16.21
CA LYS B 74 -2.47 -21.80 -16.14
C LYS B 74 -3.03 -20.63 -16.95
N SER B 75 -3.70 -20.90 -18.08
CA SER B 75 -4.21 -19.84 -18.95
C SER B 75 -5.52 -19.23 -18.45
N GLY B 76 -5.54 -17.91 -18.34
CA GLY B 76 -6.72 -17.12 -18.01
C GLY B 76 -7.83 -17.30 -19.06
N ILE B 77 -7.44 -17.51 -20.31
CA ILE B 77 -8.40 -17.72 -21.36
C ILE B 77 -9.06 -19.10 -21.21
N THR B 78 -8.25 -20.12 -20.96
CA THR B 78 -8.76 -21.45 -20.69
C THR B 78 -9.69 -21.48 -19.46
N ARG B 79 -9.33 -20.75 -18.41
CA ARG B 79 -10.17 -20.64 -17.22
C ARG B 79 -11.50 -19.96 -17.58
N LYS B 80 -11.45 -18.94 -18.43
CA LYS B 80 -12.65 -18.26 -18.85
C LYS B 80 -13.55 -19.23 -19.62
N ARG B 81 -12.97 -20.04 -20.52
CA ARG B 81 -13.73 -21.04 -21.26
CA ARG B 81 -13.72 -21.06 -21.26
C ARG B 81 -14.37 -22.01 -20.25
N PHE B 82 -13.60 -22.41 -19.23
CA PHE B 82 -14.05 -23.37 -18.26
C PHE B 82 -15.28 -22.82 -17.51
N PHE B 83 -15.15 -21.60 -17.01
CA PHE B 83 -16.20 -20.96 -16.27
C PHE B 83 -17.44 -20.69 -17.13
N ARG B 84 -17.24 -20.52 -18.44
CA ARG B 84 -18.34 -20.34 -19.37
C ARG B 84 -19.19 -21.61 -19.35
N GLU B 85 -18.54 -22.77 -19.45
CA GLU B 85 -19.19 -24.08 -19.35
C GLU B 85 -19.81 -24.33 -17.98
N LEU B 86 -19.09 -23.99 -16.89
CA LEU B 86 -19.57 -24.22 -15.54
C LEU B 86 -20.81 -23.36 -15.26
N THR B 87 -20.83 -22.13 -15.78
CA THR B 87 -21.99 -21.25 -15.65
C THR B 87 -23.22 -21.85 -16.34
N GLU B 88 -23.04 -22.47 -17.52
CA GLU B 88 -24.12 -23.13 -18.21
CA GLU B 88 -24.11 -23.14 -18.21
C GLU B 88 -24.67 -24.28 -17.35
N LEU B 89 -23.76 -25.14 -16.86
CA LEU B 89 -24.14 -26.23 -15.98
C LEU B 89 -24.92 -25.72 -14.76
N LYS B 90 -24.42 -24.66 -14.13
CA LYS B 90 -25.00 -24.16 -12.91
C LYS B 90 -26.39 -23.58 -13.24
N THR B 91 -26.57 -23.05 -14.45
CA THR B 91 -27.80 -22.39 -14.83
C THR B 91 -28.95 -23.42 -14.96
N PHE B 92 -28.62 -24.64 -15.39
CA PHE B 92 -29.64 -25.63 -15.67
C PHE B 92 -29.60 -26.79 -14.66
N ALA B 93 -28.95 -26.62 -13.51
CA ALA B 93 -28.80 -27.74 -12.58
C ALA B 93 -30.00 -27.87 -11.66
N ASN B 94 -30.17 -29.09 -11.16
CA ASN B 94 -31.23 -29.36 -10.20
C ASN B 94 -30.66 -29.21 -8.79
N TYR B 95 -31.21 -28.27 -8.03
CA TYR B 95 -30.71 -27.93 -6.70
C TYR B 95 -31.67 -28.38 -5.60
N SER B 96 -32.63 -29.25 -5.92
CA SER B 96 -33.75 -29.57 -5.03
CA SER B 96 -33.75 -29.58 -5.04
C SER B 96 -33.29 -30.10 -3.67
N THR B 97 -32.26 -30.97 -3.65
CA THR B 97 -31.72 -31.50 -2.41
C THR B 97 -31.31 -30.39 -1.43
N CYS B 98 -30.79 -29.27 -1.93
CA CYS B 98 -30.17 -28.25 -1.09
CA CYS B 98 -30.15 -28.24 -1.12
C CYS B 98 -30.92 -26.92 -1.12
N ASP B 99 -32.03 -26.83 -1.88
CA ASP B 99 -32.67 -25.53 -2.02
C ASP B 99 -34.15 -25.58 -1.60
N ARG B 100 -34.40 -25.69 -0.28
CA ARG B 100 -35.74 -25.93 0.25
C ARG B 100 -36.68 -24.77 -0.06
N SER B 101 -36.17 -23.53 -0.01
CA SER B 101 -37.04 -22.37 -0.17
C SER B 101 -37.17 -21.95 -1.65
N ASN B 102 -36.55 -22.73 -2.55
CA ASN B 102 -36.61 -22.49 -3.98
C ASN B 102 -36.06 -21.12 -4.34
N LEU B 103 -34.80 -20.83 -3.93
CA LEU B 103 -34.11 -19.62 -4.34
C LEU B 103 -33.81 -19.65 -5.83
N ALA B 104 -33.69 -20.87 -6.39
CA ALA B 104 -33.47 -21.04 -7.82
C ALA B 104 -34.50 -20.29 -8.64
N ASP B 105 -35.78 -20.51 -8.31
CA ASP B 105 -36.87 -19.88 -9.07
C ASP B 105 -36.90 -18.37 -8.81
N TRP B 106 -36.60 -17.96 -7.57
CA TRP B 106 -36.60 -16.54 -7.25
C TRP B 106 -35.59 -15.80 -8.12
N LEU B 107 -34.37 -16.37 -8.18
CA LEU B 107 -33.29 -15.82 -8.97
C LEU B 107 -33.63 -15.85 -10.47
N GLY B 108 -34.16 -17.00 -10.91
CA GLY B 108 -34.58 -17.20 -12.30
C GLY B 108 -35.66 -16.22 -12.79
N SER B 109 -36.59 -15.84 -11.90
CA SER B 109 -37.67 -14.92 -12.20
C SER B 109 -37.10 -13.53 -12.46
N LEU B 110 -36.01 -13.18 -11.75
CA LEU B 110 -35.33 -11.90 -11.95
C LEU B 110 -34.66 -11.87 -13.33
N ASP B 111 -33.97 -12.98 -13.66
CA ASP B 111 -33.24 -13.15 -14.90
C ASP B 111 -32.81 -14.61 -14.93
N PRO B 112 -33.14 -15.39 -15.98
CA PRO B 112 -32.74 -16.80 -16.04
C PRO B 112 -31.25 -17.05 -15.75
N ARG B 113 -30.40 -16.07 -16.08
CA ARG B 113 -28.97 -16.28 -15.93
C ARG B 113 -28.51 -16.15 -14.47
N PHE B 114 -29.40 -15.70 -13.57
CA PHE B 114 -29.10 -15.55 -12.15
C PHE B 114 -29.27 -16.87 -11.39
N ARG B 115 -29.96 -17.84 -12.01
CA ARG B 115 -30.12 -19.16 -11.45
C ARG B 115 -28.75 -19.77 -11.11
N GLN B 116 -27.70 -19.34 -11.83
CA GLN B 116 -26.35 -19.87 -11.65
C GLN B 116 -25.81 -19.60 -10.24
N TYR B 117 -26.41 -18.67 -9.51
CA TYR B 117 -25.95 -18.25 -8.20
C TYR B 117 -26.57 -19.09 -7.09
N THR B 118 -27.45 -20.04 -7.43
CA THR B 118 -28.23 -20.75 -6.43
C THR B 118 -27.35 -21.39 -5.35
N TYR B 119 -26.33 -22.17 -5.78
CA TYR B 119 -25.51 -22.93 -4.85
C TYR B 119 -24.71 -21.99 -3.95
N GLY B 120 -24.24 -20.90 -4.53
CA GLY B 120 -23.56 -19.86 -3.75
C GLY B 120 -24.44 -19.35 -2.62
N LEU B 121 -25.74 -19.11 -2.86
CA LEU B 121 -26.60 -18.51 -1.86
C LEU B 121 -26.97 -19.55 -0.82
N VAL B 122 -27.29 -20.80 -1.24
CA VAL B 122 -27.75 -21.78 -0.28
C VAL B 122 -26.60 -22.29 0.57
N SER B 123 -25.37 -22.24 0.01
CA SER B 123 -24.15 -22.62 0.70
C SER B 123 -23.81 -21.71 1.88
N CYS B 124 -24.24 -20.45 1.85
CA CYS B 124 -24.07 -19.58 3.01
C CYS B 124 -25.24 -19.67 3.97
N GLY B 125 -26.24 -20.50 3.68
CA GLY B 125 -27.38 -20.66 4.58
C GLY B 125 -28.44 -19.58 4.37
N LEU B 126 -28.36 -18.86 3.25
CA LEU B 126 -29.47 -18.02 2.83
C LEU B 126 -30.68 -18.85 2.38
N ASP B 127 -31.86 -18.26 2.55
CA ASP B 127 -33.12 -18.73 2.00
C ASP B 127 -33.99 -17.50 1.71
N ARG B 128 -35.20 -17.71 1.17
CA ARG B 128 -36.07 -16.61 0.81
C ARG B 128 -36.28 -15.64 1.96
N SER B 129 -36.56 -16.17 3.16
CA SER B 129 -36.86 -15.33 4.33
C SER B 129 -35.70 -14.42 4.74
N LEU B 130 -34.46 -14.87 4.52
CA LEU B 130 -33.28 -14.17 5.02
C LEU B 130 -32.76 -13.19 3.97
N LEU B 131 -33.24 -13.35 2.73
CA LEU B 131 -32.65 -12.70 1.58
C LEU B 131 -32.74 -11.18 1.68
N HIS B 132 -33.83 -10.68 2.29
CA HIS B 132 -34.07 -9.26 2.42
C HIS B 132 -32.95 -8.53 3.17
N ARG B 133 -32.23 -9.24 4.06
CA ARG B 133 -31.24 -8.64 4.94
C ARG B 133 -29.83 -8.71 4.35
N VAL B 134 -29.68 -9.31 3.17
CA VAL B 134 -28.36 -9.56 2.63
C VAL B 134 -27.69 -8.25 2.22
N SER B 135 -26.35 -8.18 2.35
CA SER B 135 -25.58 -7.00 2.02
C SER B 135 -24.77 -7.20 0.75
N GLU B 136 -24.25 -6.11 0.18
CA GLU B 136 -23.45 -6.18 -1.03
C GLU B 136 -22.22 -7.03 -0.77
N GLN B 137 -21.58 -6.80 0.38
CA GLN B 137 -20.37 -7.50 0.79
C GLN B 137 -20.62 -9.01 0.82
N GLN B 138 -21.74 -9.40 1.43
CA GLN B 138 -22.13 -10.79 1.52
C GLN B 138 -22.29 -11.43 0.14
N LEU B 139 -22.94 -10.74 -0.80
CA LEU B 139 -23.14 -11.31 -2.13
C LEU B 139 -21.81 -11.51 -2.85
N LEU B 140 -20.85 -10.61 -2.60
CA LEU B 140 -19.55 -10.68 -3.23
C LEU B 140 -18.67 -11.75 -2.55
N GLU B 141 -18.46 -11.61 -1.23
CA GLU B 141 -17.50 -12.42 -0.49
C GLU B 141 -18.03 -13.82 -0.17
N ASP B 142 -19.27 -13.90 0.28
CA ASP B 142 -19.84 -15.15 0.74
C ASP B 142 -20.47 -15.93 -0.41
N CYS B 143 -21.13 -15.25 -1.35
CA CYS B 143 -21.90 -15.94 -2.37
C CYS B 143 -21.15 -16.05 -3.70
N GLY B 144 -20.11 -15.21 -3.89
CA GLY B 144 -19.22 -15.31 -5.04
C GLY B 144 -19.85 -14.74 -6.31
N ILE B 145 -20.67 -13.71 -6.13
CA ILE B 145 -21.24 -12.98 -7.26
C ILE B 145 -20.31 -11.82 -7.62
N HIS B 146 -19.54 -12.00 -8.70
CA HIS B 146 -18.39 -11.16 -9.00
C HIS B 146 -18.81 -9.93 -9.83
N LEU B 147 -19.81 -10.11 -10.69
CA LEU B 147 -20.33 -9.03 -11.53
C LEU B 147 -21.19 -8.06 -10.72
N GLY B 148 -20.75 -6.80 -10.65
CA GLY B 148 -21.43 -5.75 -9.94
C GLY B 148 -22.87 -5.57 -10.42
N VAL B 149 -23.06 -5.64 -11.74
CA VAL B 149 -24.39 -5.46 -12.32
C VAL B 149 -25.34 -6.48 -11.70
N HIS B 150 -24.88 -7.72 -11.60
CA HIS B 150 -25.67 -8.83 -11.07
C HIS B 150 -25.97 -8.62 -9.58
N ARG B 151 -24.93 -8.28 -8.82
CA ARG B 151 -25.07 -7.99 -7.40
C ARG B 151 -26.14 -6.92 -7.17
N ALA B 152 -26.06 -5.82 -7.92
CA ALA B 152 -26.92 -4.67 -7.73
C ALA B 152 -28.37 -5.07 -8.00
N ARG B 153 -28.61 -5.88 -9.04
CA ARG B 153 -29.96 -6.25 -9.40
C ARG B 153 -30.53 -7.18 -8.33
N ILE B 154 -29.71 -8.11 -7.85
CA ILE B 154 -30.16 -9.09 -6.88
C ILE B 154 -30.46 -8.35 -5.58
N LEU B 155 -29.60 -7.39 -5.21
CA LEU B 155 -29.71 -6.63 -3.98
C LEU B 155 -31.02 -5.84 -4.01
N THR B 156 -31.23 -5.10 -5.11
CA THR B 156 -32.42 -4.28 -5.33
C THR B 156 -33.67 -5.13 -5.13
N ALA B 157 -33.75 -6.27 -5.81
CA ALA B 157 -34.93 -7.12 -5.76
C ALA B 157 -35.13 -7.70 -4.37
N ALA B 158 -34.03 -7.89 -3.64
CA ALA B 158 -34.11 -8.49 -2.31
C ALA B 158 -34.71 -7.52 -1.30
N ARG B 159 -34.44 -6.22 -1.49
CA ARG B 159 -34.89 -5.18 -0.58
CA ARG B 159 -34.89 -5.16 -0.59
C ARG B 159 -36.37 -4.86 -0.78
N GLU B 160 -36.92 -5.24 -1.94
CA GLU B 160 -38.30 -4.95 -2.29
C GLU B 160 -39.16 -6.19 -2.15
N MET B 161 -38.74 -7.11 -1.27
CA MET B 161 -39.43 -8.37 -1.05
C MET B 161 -40.47 -8.19 0.05
N LEU B 162 -41.55 -8.97 0.00
CA LEU B 162 -42.55 -8.92 1.05
C LEU B 162 -42.20 -9.96 2.10
N HIS B 163 -41.76 -9.45 3.25
CA HIS B 163 -41.49 -10.21 4.46
C HIS B 163 -42.51 -9.73 5.50
N SER B 164 -43.70 -9.44 4.97
CA SER B 164 -44.75 -8.60 5.55
C SER B 164 -44.48 -7.11 5.21
N VAL C 17 -27.17 -15.14 -47.95
CA VAL C 17 -26.96 -16.01 -46.76
C VAL C 17 -25.60 -16.70 -46.85
N PRO C 18 -24.96 -16.84 -48.04
CA PRO C 18 -23.55 -17.20 -48.13
C PRO C 18 -22.60 -16.25 -47.39
N ARG C 19 -22.37 -15.06 -47.96
CA ARG C 19 -21.53 -14.04 -47.34
C ARG C 19 -22.42 -12.96 -46.72
N PRO C 20 -22.35 -12.68 -45.39
CA PRO C 20 -23.09 -11.55 -44.81
C PRO C 20 -22.21 -10.30 -44.84
N ILE C 21 -22.83 -9.12 -44.80
CA ILE C 21 -22.04 -7.90 -44.72
C ILE C 21 -21.42 -7.72 -43.34
N LEU C 22 -22.24 -7.62 -42.28
CA LEU C 22 -21.73 -7.45 -40.94
C LEU C 22 -21.53 -8.84 -40.34
N PRO C 23 -20.30 -9.22 -39.90
CA PRO C 23 -20.06 -10.58 -39.45
C PRO C 23 -20.66 -10.87 -38.08
N SER C 24 -21.16 -12.09 -37.91
CA SER C 24 -21.79 -12.54 -36.69
C SER C 24 -20.71 -13.07 -35.74
N VAL C 25 -19.89 -12.14 -35.23
CA VAL C 25 -18.70 -12.52 -34.47
C VAL C 25 -19.09 -13.32 -33.22
N PRO C 26 -20.19 -12.99 -32.48
CA PRO C 26 -20.57 -13.79 -31.31
C PRO C 26 -20.70 -15.28 -31.57
N SER C 27 -21.05 -15.63 -32.81
CA SER C 27 -21.28 -17.03 -33.18
CA SER C 27 -21.28 -17.03 -33.19
C SER C 27 -20.07 -17.61 -33.93
N TRP C 28 -19.00 -16.85 -34.09
CA TRP C 28 -17.79 -17.34 -34.75
C TRP C 28 -17.21 -18.53 -34.00
N LYS C 29 -16.66 -19.47 -34.75
CA LYS C 29 -15.93 -20.58 -34.17
C LYS C 29 -14.44 -20.33 -34.36
N GLU C 30 -13.63 -21.23 -33.80
CA GLU C 30 -12.17 -21.12 -33.87
C GLU C 30 -11.71 -20.80 -35.31
N ALA C 31 -12.29 -21.49 -36.29
CA ALA C 31 -11.88 -21.42 -37.67
C ALA C 31 -12.09 -20.01 -38.22
N GLU C 32 -13.19 -19.36 -37.84
CA GLU C 32 -13.45 -18.00 -38.34
C GLU C 32 -12.51 -16.97 -37.71
N VAL C 33 -12.18 -17.20 -36.43
CA VAL C 33 -11.18 -16.41 -35.72
C VAL C 33 -9.83 -16.52 -36.43
N GLN C 34 -9.45 -17.75 -36.78
CA GLN C 34 -8.22 -18.05 -37.47
C GLN C 34 -8.15 -17.29 -38.80
N THR C 35 -9.23 -17.34 -39.58
CA THR C 35 -9.30 -16.66 -40.87
C THR C 35 -9.09 -15.16 -40.69
N TRP C 36 -9.76 -14.58 -39.68
CA TRP C 36 -9.68 -13.16 -39.40
C TRP C 36 -8.26 -12.74 -39.02
N LEU C 37 -7.57 -13.56 -38.23
CA LEU C 37 -6.20 -13.28 -37.84
C LEU C 37 -5.30 -13.17 -39.07
N GLN C 38 -5.48 -14.11 -40.03
CA GLN C 38 -4.74 -14.10 -41.29
C GLN C 38 -4.98 -12.79 -42.04
N GLN C 39 -6.25 -12.42 -42.21
CA GLN C 39 -6.63 -11.25 -42.97
CA GLN C 39 -6.64 -11.25 -42.98
C GLN C 39 -5.99 -9.98 -42.42
N ILE C 40 -5.83 -9.88 -41.08
CA ILE C 40 -5.38 -8.64 -40.48
C ILE C 40 -3.86 -8.66 -40.28
N GLY C 41 -3.19 -9.72 -40.75
CA GLY C 41 -1.74 -9.77 -40.73
C GLY C 41 -1.19 -10.25 -39.40
N PHE C 42 -1.95 -11.09 -38.69
CA PHE C 42 -1.51 -11.61 -37.40
C PHE C 42 -1.39 -13.12 -37.43
N SER C 43 -1.03 -13.68 -38.60
CA SER C 43 -0.82 -15.11 -38.83
C SER C 43 0.13 -15.71 -37.80
N LYS C 44 1.12 -14.92 -37.38
CA LYS C 44 2.09 -15.33 -36.40
C LYS C 44 1.38 -15.82 -35.14
N TYR C 45 0.18 -15.28 -34.84
CA TYR C 45 -0.48 -15.60 -33.59
C TYR C 45 -1.55 -16.70 -33.72
N CYS C 46 -1.77 -17.19 -34.95
CA CYS C 46 -2.75 -18.23 -35.22
C CYS C 46 -2.57 -19.46 -34.31
N GLU C 47 -1.33 -19.92 -34.13
CA GLU C 47 -1.08 -21.11 -33.33
C GLU C 47 -1.54 -20.88 -31.88
N SER C 48 -1.17 -19.74 -31.27
CA SER C 48 -1.52 -19.44 -29.89
C SER C 48 -3.04 -19.36 -29.74
N PHE C 49 -3.71 -18.70 -30.69
CA PHE C 49 -5.16 -18.57 -30.64
C PHE C 49 -5.84 -19.94 -30.78
N ARG C 50 -5.25 -20.83 -31.59
CA ARG C 50 -5.73 -22.19 -31.79
C ARG C 50 -5.56 -23.00 -30.50
N GLU C 51 -4.36 -22.95 -29.92
CA GLU C 51 -4.04 -23.67 -28.70
C GLU C 51 -4.96 -23.23 -27.55
N GLN C 52 -5.27 -21.94 -27.49
CA GLN C 52 -6.07 -21.36 -26.42
C GLN C 52 -7.57 -21.47 -26.76
N GLN C 53 -7.90 -21.93 -27.96
CA GLN C 53 -9.27 -22.22 -28.38
C GLN C 53 -10.15 -20.97 -28.39
N VAL C 54 -9.62 -19.91 -28.99
CA VAL C 54 -10.31 -18.65 -29.04
C VAL C 54 -11.40 -18.71 -30.10
N ASP C 55 -12.66 -18.57 -29.66
CA ASP C 55 -13.81 -18.47 -30.54
C ASP C 55 -14.30 -17.03 -30.50
N GLY C 56 -15.45 -16.77 -31.11
CA GLY C 56 -15.99 -15.43 -31.22
C GLY C 56 -16.24 -14.77 -29.84
N ASP C 57 -16.86 -15.55 -28.95
CA ASP C 57 -17.18 -15.07 -27.61
C ASP C 57 -15.91 -14.63 -26.89
N LEU C 58 -14.86 -15.46 -26.97
CA LEU C 58 -13.63 -15.18 -26.26
C LEU C 58 -12.88 -14.02 -26.94
N LEU C 59 -12.94 -13.95 -28.27
CA LEU C 59 -12.31 -12.89 -29.00
C LEU C 59 -12.90 -11.55 -28.57
N LEU C 60 -14.23 -11.49 -28.46
CA LEU C 60 -14.89 -10.23 -28.16
C LEU C 60 -14.55 -9.78 -26.74
N ARG C 61 -14.19 -10.72 -25.86
CA ARG C 61 -14.03 -10.46 -24.44
C ARG C 61 -12.54 -10.42 -24.07
N LEU C 62 -11.65 -10.51 -25.08
CA LEU C 62 -10.20 -10.55 -24.85
C LEU C 62 -9.74 -9.28 -24.11
N THR C 63 -8.86 -9.47 -23.13
CA THR C 63 -8.28 -8.37 -22.35
C THR C 63 -6.79 -8.21 -22.70
N GLU C 64 -6.25 -7.02 -22.39
CA GLU C 64 -4.83 -6.69 -22.44
C GLU C 64 -4.00 -7.82 -21.79
N GLU C 65 -4.39 -8.21 -20.57
CA GLU C 65 -3.75 -9.25 -19.78
C GLU C 65 -3.68 -10.58 -20.52
N GLU C 66 -4.82 -11.01 -21.09
CA GLU C 66 -4.89 -12.31 -21.76
C GLU C 66 -3.99 -12.28 -23.00
N LEU C 67 -4.01 -11.13 -23.68
CA LEU C 67 -3.29 -10.96 -24.92
C LEU C 67 -1.77 -11.05 -24.68
N GLN C 68 -1.30 -10.39 -23.60
CA GLN C 68 0.10 -10.41 -23.21
C GLN C 68 0.55 -11.76 -22.65
N THR C 69 -0.14 -12.26 -21.62
CA THR C 69 0.30 -13.43 -20.87
C THR C 69 -0.09 -14.75 -21.55
N ASP C 70 -1.35 -14.87 -22.01
CA ASP C 70 -1.83 -16.17 -22.48
C ASP C 70 -1.56 -16.35 -23.97
N LEU C 71 -1.52 -15.25 -24.73
CA LEU C 71 -1.37 -15.35 -26.18
C LEU C 71 0.05 -14.94 -26.61
N GLY C 72 0.85 -14.45 -25.65
CA GLY C 72 2.25 -14.21 -25.88
C GLY C 72 2.57 -12.95 -26.69
N MET C 73 1.68 -11.95 -26.64
CA MET C 73 1.89 -10.72 -27.39
C MET C 73 2.55 -9.69 -26.48
N LYS C 74 3.90 -9.73 -26.43
CA LYS C 74 4.67 -9.06 -25.40
C LYS C 74 4.67 -7.55 -25.60
N SER C 75 4.69 -7.09 -26.86
CA SER C 75 4.79 -5.67 -27.15
C SER C 75 3.45 -4.94 -26.96
N GLY C 76 3.52 -3.83 -26.23
CA GLY C 76 2.39 -2.91 -26.08
C GLY C 76 1.94 -2.31 -27.42
N ILE C 77 2.91 -2.11 -28.32
CA ILE C 77 2.63 -1.56 -29.63
C ILE C 77 1.87 -2.58 -30.46
N THR C 78 2.33 -3.84 -30.44
CA THR C 78 1.68 -4.91 -31.15
C THR C 78 0.24 -5.13 -30.64
N ARG C 79 0.07 -5.04 -29.33
CA ARG C 79 -1.23 -5.16 -28.71
C ARG C 79 -2.15 -4.01 -29.17
N LYS C 80 -1.59 -2.80 -29.26
CA LYS C 80 -2.33 -1.66 -29.74
C LYS C 80 -2.79 -1.90 -31.18
N ARG C 81 -1.92 -2.45 -32.05
CA ARG C 81 -2.27 -2.73 -33.43
CA ARG C 81 -2.27 -2.73 -33.43
C ARG C 81 -3.40 -3.77 -33.45
N PHE C 82 -3.31 -4.77 -32.57
CA PHE C 82 -4.29 -5.82 -32.52
C PHE C 82 -5.66 -5.25 -32.12
N PHE C 83 -5.68 -4.45 -31.05
CA PHE C 83 -6.92 -3.87 -30.55
C PHE C 83 -7.52 -2.87 -31.54
N ARG C 84 -6.67 -2.32 -32.41
CA ARG C 84 -7.13 -1.38 -33.40
C ARG C 84 -8.03 -2.15 -34.38
N GLU C 85 -7.56 -3.35 -34.77
CA GLU C 85 -8.31 -4.25 -35.64
C GLU C 85 -9.55 -4.80 -34.93
N LEU C 86 -9.41 -5.20 -33.66
CA LEU C 86 -10.51 -5.77 -32.91
C LEU C 86 -11.62 -4.75 -32.72
N THR C 87 -11.25 -3.51 -32.44
CA THR C 87 -12.22 -2.44 -32.25
C THR C 87 -13.04 -2.23 -33.52
N GLU C 88 -12.38 -2.29 -34.68
CA GLU C 88 -13.09 -2.17 -35.96
C GLU C 88 -14.11 -3.30 -36.07
N LEU C 89 -13.65 -4.53 -35.83
CA LEU C 89 -14.50 -5.72 -35.92
C LEU C 89 -15.70 -5.59 -34.98
N LYS C 90 -15.44 -5.13 -33.75
CA LYS C 90 -16.49 -5.00 -32.77
C LYS C 90 -17.49 -3.91 -33.17
N THR C 91 -17.00 -2.88 -33.83
CA THR C 91 -17.85 -1.77 -34.22
C THR C 91 -18.89 -2.17 -35.28
N PHE C 92 -18.54 -3.11 -36.16
CA PHE C 92 -19.37 -3.42 -37.31
C PHE C 92 -19.95 -4.83 -37.20
N ALA C 93 -19.89 -5.43 -36.01
CA ALA C 93 -20.34 -6.82 -35.90
C ALA C 93 -21.85 -6.91 -35.76
N ASN C 94 -22.38 -8.06 -36.13
CA ASN C 94 -23.80 -8.33 -35.98
C ASN C 94 -24.04 -8.98 -34.62
N TYR C 95 -24.79 -8.31 -33.74
CA TYR C 95 -24.99 -8.76 -32.38
C TYR C 95 -26.42 -9.29 -32.16
N SER C 96 -27.19 -9.47 -33.23
CA SER C 96 -28.62 -9.70 -33.13
C SER C 96 -28.97 -10.93 -32.28
N THR C 97 -28.20 -12.02 -32.39
CA THR C 97 -28.40 -13.23 -31.58
C THR C 97 -28.41 -12.94 -30.09
N CYS C 98 -27.57 -12.00 -29.62
CA CYS C 98 -27.34 -11.78 -28.20
CA CYS C 98 -27.34 -11.78 -28.20
C CYS C 98 -27.84 -10.41 -27.74
N ASP C 99 -28.40 -9.60 -28.64
CA ASP C 99 -28.77 -8.23 -28.29
C ASP C 99 -30.25 -7.99 -28.57
N ARG C 100 -31.13 -8.56 -27.74
CA ARG C 100 -32.58 -8.52 -27.96
C ARG C 100 -33.11 -7.09 -27.99
N SER C 101 -32.62 -6.22 -27.09
CA SER C 101 -33.18 -4.88 -26.96
C SER C 101 -32.52 -3.87 -27.90
N ASN C 102 -31.57 -4.35 -28.74
CA ASN C 102 -30.84 -3.57 -29.73
C ASN C 102 -30.07 -2.43 -29.07
N LEU C 103 -29.22 -2.77 -28.09
CA LEU C 103 -28.33 -1.80 -27.48
C LEU C 103 -27.31 -1.29 -28.50
N ALA C 104 -26.96 -2.14 -29.48
CA ALA C 104 -26.05 -1.74 -30.54
C ALA C 104 -26.49 -0.42 -31.20
N ASP C 105 -27.77 -0.30 -31.60
CA ASP C 105 -28.25 0.90 -32.28
C ASP C 105 -28.34 2.06 -31.29
N TRP C 106 -28.66 1.77 -30.04
CA TRP C 106 -28.70 2.82 -29.02
C TRP C 106 -27.33 3.48 -28.86
N LEU C 107 -26.30 2.63 -28.73
CA LEU C 107 -24.93 3.09 -28.57
C LEU C 107 -24.49 3.83 -29.84
N GLY C 108 -24.80 3.24 -31.00
CA GLY C 108 -24.46 3.77 -32.32
C GLY C 108 -25.04 5.16 -32.57
N SER C 109 -26.24 5.41 -32.02
CA SER C 109 -26.94 6.67 -32.22
C SER C 109 -26.20 7.78 -31.47
N LEU C 110 -25.58 7.44 -30.36
CA LEU C 110 -24.78 8.35 -29.56
C LEU C 110 -23.52 8.73 -30.35
N ASP C 111 -22.86 7.69 -30.91
CA ASP C 111 -21.64 7.82 -31.67
C ASP C 111 -21.36 6.45 -32.27
N PRO C 112 -21.20 6.33 -33.61
CA PRO C 112 -20.98 5.02 -34.23
C PRO C 112 -19.91 4.18 -33.56
N ARG C 113 -18.90 4.84 -32.97
CA ARG C 113 -17.75 4.17 -32.40
C ARG C 113 -18.14 3.42 -31.12
N PHE C 114 -19.28 3.76 -30.54
CA PHE C 114 -19.68 3.22 -29.24
C PHE C 114 -20.36 1.86 -29.38
N ARG C 115 -20.70 1.52 -30.63
CA ARG C 115 -21.22 0.20 -30.95
C ARG C 115 -20.24 -0.90 -30.52
N GLN C 116 -18.95 -0.59 -30.44
CA GLN C 116 -17.93 -1.53 -30.02
C GLN C 116 -18.13 -2.06 -28.59
N TYR C 117 -18.93 -1.35 -27.78
CA TYR C 117 -19.18 -1.74 -26.40
C TYR C 117 -20.37 -2.71 -26.24
N THR C 118 -21.03 -3.07 -27.35
CA THR C 118 -22.27 -3.83 -27.29
C THR C 118 -22.09 -5.12 -26.49
N TYR C 119 -21.09 -5.91 -26.85
CA TYR C 119 -20.93 -7.22 -26.27
C TYR C 119 -20.62 -7.10 -24.78
N GLY C 120 -19.79 -6.09 -24.43
CA GLY C 120 -19.50 -5.81 -23.02
C GLY C 120 -20.80 -5.59 -22.20
N LEU C 121 -21.74 -4.80 -22.73
CA LEU C 121 -22.96 -4.53 -22.00
C LEU C 121 -23.88 -5.77 -22.00
N VAL C 122 -24.08 -6.46 -23.14
CA VAL C 122 -25.06 -7.56 -23.16
C VAL C 122 -24.54 -8.78 -22.40
N SER C 123 -23.23 -8.94 -22.31
CA SER C 123 -22.59 -10.02 -21.56
C SER C 123 -22.84 -9.92 -20.06
N CYS C 124 -23.06 -8.69 -19.52
CA CYS C 124 -23.45 -8.52 -18.13
C CYS C 124 -24.96 -8.64 -17.92
N GLY C 125 -25.71 -8.83 -19.03
CA GLY C 125 -27.16 -8.95 -18.99
C GLY C 125 -27.88 -7.61 -18.96
N LEU C 126 -27.16 -6.54 -19.27
CA LEU C 126 -27.79 -5.24 -19.48
C LEU C 126 -28.64 -5.25 -20.76
N ASP C 127 -29.66 -4.41 -20.76
CA ASP C 127 -30.50 -4.13 -21.92
C ASP C 127 -30.95 -2.67 -21.78
N ARG C 128 -31.76 -2.19 -22.73
CA ARG C 128 -32.22 -0.80 -22.72
C ARG C 128 -32.90 -0.44 -21.40
N SER C 129 -33.77 -1.33 -20.90
CA SER C 129 -34.55 -1.05 -19.69
C SER C 129 -33.69 -0.93 -18.43
N LEU C 130 -32.52 -1.61 -18.41
CA LEU C 130 -31.66 -1.67 -17.23
C LEU C 130 -30.58 -0.58 -17.24
N LEU C 131 -30.43 0.05 -18.39
CA LEU C 131 -29.37 1.01 -18.63
C LEU C 131 -29.41 2.20 -17.66
N HIS C 132 -30.62 2.63 -17.27
CA HIS C 132 -30.76 3.81 -16.43
C HIS C 132 -30.11 3.60 -15.06
N ARG C 133 -29.98 2.35 -14.62
CA ARG C 133 -29.52 2.10 -13.26
C ARG C 133 -28.01 1.85 -13.23
N VAL C 134 -27.36 1.77 -14.40
CA VAL C 134 -25.95 1.40 -14.49
C VAL C 134 -25.07 2.50 -13.88
N SER C 135 -23.98 2.09 -13.21
CA SER C 135 -23.09 3.01 -12.50
C SER C 135 -21.79 3.14 -13.29
N GLU C 136 -20.99 4.17 -12.95
CA GLU C 136 -19.73 4.35 -13.65
C GLU C 136 -18.80 3.15 -13.40
N GLN C 137 -18.77 2.66 -12.14
CA GLN C 137 -17.93 1.54 -11.75
C GLN C 137 -18.28 0.32 -12.61
N GLN C 138 -19.59 0.06 -12.76
CA GLN C 138 -20.07 -1.07 -13.55
C GLN C 138 -19.62 -0.97 -15.02
N LEU C 139 -19.67 0.24 -15.61
CA LEU C 139 -19.30 0.40 -17.00
C LEU C 139 -17.80 0.09 -17.17
N LEU C 140 -17.02 0.45 -16.14
CA LEU C 140 -15.57 0.27 -16.19
C LEU C 140 -15.18 -1.18 -15.90
N GLU C 141 -15.62 -1.71 -14.75
CA GLU C 141 -15.18 -3.02 -14.28
C GLU C 141 -15.91 -4.16 -15.00
N ASP C 142 -17.22 -4.06 -15.14
CA ASP C 142 -18.03 -5.17 -15.64
C ASP C 142 -18.12 -5.12 -17.17
N CYS C 143 -18.21 -3.92 -17.76
CA CYS C 143 -18.45 -3.82 -19.19
C CYS C 143 -17.18 -3.52 -20.00
N GLY C 144 -16.09 -3.14 -19.30
CA GLY C 144 -14.79 -2.94 -19.93
C GLY C 144 -14.70 -1.68 -20.78
N ILE C 145 -15.40 -0.62 -20.39
CA ILE C 145 -15.28 0.65 -21.06
C ILE C 145 -14.23 1.47 -20.33
N HIS C 146 -13.03 1.54 -20.91
CA HIS C 146 -11.83 2.06 -20.27
C HIS C 146 -11.68 3.58 -20.39
N LEU C 147 -12.11 4.17 -21.51
CA LEU C 147 -12.08 5.61 -21.73
C LEU C 147 -13.19 6.30 -20.93
N GLY C 148 -12.77 7.15 -20.00
CA GLY C 148 -13.66 7.98 -19.21
C GLY C 148 -14.64 8.79 -20.07
N VAL C 149 -14.15 9.37 -21.17
CA VAL C 149 -14.94 10.22 -22.03
C VAL C 149 -16.14 9.41 -22.53
N HIS C 150 -15.87 8.17 -22.94
CA HIS C 150 -16.91 7.28 -23.43
C HIS C 150 -17.90 6.90 -22.32
N ARG C 151 -17.37 6.57 -21.14
CA ARG C 151 -18.19 6.22 -20.00
C ARG C 151 -19.16 7.37 -19.71
N ALA C 152 -18.62 8.60 -19.67
CA ALA C 152 -19.39 9.78 -19.28
C ALA C 152 -20.53 10.04 -20.26
N ARG C 153 -20.26 9.84 -21.55
CA ARG C 153 -21.27 10.06 -22.58
C ARG C 153 -22.38 9.01 -22.46
N ILE C 154 -21.98 7.78 -22.19
CA ILE C 154 -22.91 6.67 -22.14
C ILE C 154 -23.78 6.85 -20.90
N LEU C 155 -23.16 7.26 -19.78
CA LEU C 155 -23.84 7.48 -18.51
C LEU C 155 -24.90 8.58 -18.66
N THR C 156 -24.49 9.73 -19.22
CA THR C 156 -25.34 10.87 -19.48
C THR C 156 -26.56 10.45 -20.30
N ALA C 157 -26.35 9.74 -21.41
CA ALA C 157 -27.47 9.36 -22.26
C ALA C 157 -28.38 8.33 -21.58
N ALA C 158 -27.80 7.57 -20.65
CA ALA C 158 -28.52 6.49 -20.01
C ALA C 158 -29.46 7.06 -18.95
N ARG C 159 -29.18 8.29 -18.48
CA ARG C 159 -30.00 8.94 -17.46
C ARG C 159 -31.34 9.39 -18.04
N GLU C 160 -31.42 9.53 -19.36
CA GLU C 160 -32.67 9.90 -20.01
CA GLU C 160 -32.67 9.90 -20.01
C GLU C 160 -33.36 8.67 -20.59
N MET C 161 -32.95 7.47 -20.14
CA MET C 161 -33.62 6.23 -20.58
C MET C 161 -34.74 5.87 -19.59
N LEU C 162 -35.77 5.17 -20.10
CA LEU C 162 -36.87 4.75 -19.26
C LEU C 162 -36.59 3.35 -18.72
N HIS C 163 -36.81 3.17 -17.41
CA HIS C 163 -36.69 1.87 -16.73
C HIS C 163 -38.07 1.28 -16.44
N SER C 164 -38.08 0.07 -15.84
CA SER C 164 -39.31 -0.59 -15.41
C SER C 164 -39.49 -0.49 -13.89
N ARG D 19 11.34 20.30 -43.75
CA ARG D 19 10.49 21.34 -43.14
C ARG D 19 9.04 21.14 -43.62
N PRO D 20 8.42 19.94 -43.41
CA PRO D 20 7.24 19.54 -44.19
C PRO D 20 6.02 20.45 -43.98
N ILE D 21 5.29 20.72 -45.07
CA ILE D 21 4.12 21.56 -45.05
C ILE D 21 2.91 20.64 -44.88
N LEU D 22 2.07 20.88 -43.86
CA LEU D 22 0.88 20.10 -43.58
C LEU D 22 1.01 18.60 -43.87
N PRO D 23 1.94 17.86 -43.21
CA PRO D 23 2.07 16.41 -43.47
C PRO D 23 0.90 15.66 -42.86
N SER D 24 0.39 14.65 -43.58
CA SER D 24 -0.84 13.98 -43.21
C SER D 24 -0.52 12.79 -42.32
N VAL D 25 0.00 13.09 -41.12
CA VAL D 25 0.61 12.10 -40.27
C VAL D 25 -0.38 10.97 -39.93
N PRO D 26 -1.66 11.25 -39.62
CA PRO D 26 -2.63 10.17 -39.35
C PRO D 26 -2.70 9.09 -40.42
N SER D 27 -2.38 9.42 -41.68
CA SER D 27 -2.45 8.47 -42.78
C SER D 27 -1.08 7.90 -43.14
N TRP D 28 -0.02 8.33 -42.43
CA TRP D 28 1.34 7.92 -42.75
C TRP D 28 1.45 6.40 -42.63
N LYS D 29 2.25 5.80 -43.53
CA LYS D 29 2.60 4.40 -43.40
C LYS D 29 4.00 4.27 -42.81
N GLU D 30 4.42 3.04 -42.52
CA GLU D 30 5.72 2.72 -41.95
C GLU D 30 6.84 3.52 -42.64
N ALA D 31 6.78 3.59 -43.97
CA ALA D 31 7.83 4.18 -44.78
C ALA D 31 7.96 5.69 -44.50
N GLU D 32 6.84 6.37 -44.30
CA GLU D 32 6.89 7.80 -44.04
C GLU D 32 7.42 8.07 -42.64
N VAL D 33 7.09 7.19 -41.69
CA VAL D 33 7.60 7.29 -40.33
C VAL D 33 9.13 7.11 -40.37
N GLN D 34 9.60 6.12 -41.13
CA GLN D 34 11.02 5.87 -41.32
C GLN D 34 11.75 7.11 -41.86
N THR D 35 11.18 7.75 -42.90
CA THR D 35 11.75 8.94 -43.49
C THR D 35 11.86 10.04 -42.45
N TRP D 36 10.78 10.26 -41.69
CA TRP D 36 10.75 11.26 -40.64
C TRP D 36 11.86 11.05 -39.60
N LEU D 37 12.07 9.79 -39.18
CA LEU D 37 13.11 9.46 -38.20
C LEU D 37 14.47 9.90 -38.72
N GLN D 38 14.73 9.63 -40.01
CA GLN D 38 15.97 10.05 -40.66
C GLN D 38 16.15 11.57 -40.59
N GLN D 39 15.11 12.32 -40.99
CA GLN D 39 15.13 13.77 -41.00
C GLN D 39 15.44 14.39 -39.63
N ILE D 40 15.00 13.74 -38.55
CA ILE D 40 15.14 14.35 -37.24
C ILE D 40 16.38 13.82 -36.51
N GLY D 41 17.16 12.98 -37.21
CA GLY D 41 18.40 12.49 -36.66
C GLY D 41 18.19 11.33 -35.69
N PHE D 42 17.15 10.51 -35.92
CA PHE D 42 16.89 9.35 -35.07
C PHE D 42 16.97 8.04 -35.85
N SER D 43 17.80 8.03 -36.91
CA SER D 43 17.95 6.87 -37.78
C SER D 43 18.32 5.64 -36.95
N LYS D 44 18.99 5.85 -35.80
CA LYS D 44 19.35 4.76 -34.90
C LYS D 44 18.12 3.92 -34.54
N TYR D 45 16.94 4.54 -34.54
CA TYR D 45 15.71 3.89 -34.07
C TYR D 45 14.84 3.36 -35.22
N CYS D 46 15.25 3.60 -36.48
CA CYS D 46 14.55 3.08 -37.65
C CYS D 46 14.23 1.59 -37.56
N GLU D 47 15.22 0.79 -37.16
CA GLU D 47 15.03 -0.65 -37.11
C GLU D 47 13.89 -1.02 -36.15
N SER D 48 13.89 -0.47 -34.92
CA SER D 48 12.91 -0.80 -33.91
CA SER D 48 12.91 -0.80 -33.91
C SER D 48 11.52 -0.38 -34.40
N PHE D 49 11.43 0.82 -34.98
CA PHE D 49 10.16 1.34 -35.45
C PHE D 49 9.63 0.44 -36.58
N ARG D 50 10.53 -0.11 -37.40
CA ARG D 50 10.19 -0.98 -38.51
C ARG D 50 9.68 -2.31 -37.97
N GLU D 51 10.41 -2.87 -36.99
CA GLU D 51 10.13 -4.17 -36.41
CA GLU D 51 10.12 -4.17 -36.41
C GLU D 51 8.76 -4.11 -35.72
N GLN D 52 8.45 -2.97 -35.09
CA GLN D 52 7.22 -2.80 -34.33
C GLN D 52 6.08 -2.28 -35.23
N GLN D 53 6.40 -1.98 -36.50
CA GLN D 53 5.43 -1.57 -37.51
C GLN D 53 4.69 -0.30 -37.11
N VAL D 54 5.48 0.71 -36.68
CA VAL D 54 4.96 2.00 -36.31
C VAL D 54 4.53 2.77 -37.56
N ASP D 55 3.24 3.07 -37.64
CA ASP D 55 2.67 3.91 -38.68
C ASP D 55 2.28 5.25 -38.03
N GLY D 56 1.62 6.10 -38.83
CA GLY D 56 1.25 7.43 -38.39
C GLY D 56 0.39 7.39 -37.11
N ASP D 57 -0.63 6.52 -37.10
CA ASP D 57 -1.56 6.45 -35.99
C ASP D 57 -0.80 6.08 -34.71
N LEU D 58 0.08 5.07 -34.78
CA LEU D 58 0.83 4.64 -33.62
C LEU D 58 1.85 5.69 -33.20
N LEU D 59 2.50 6.34 -34.19
CA LEU D 59 3.43 7.43 -33.90
C LEU D 59 2.78 8.55 -33.09
N LEU D 60 1.58 8.98 -33.51
CA LEU D 60 0.89 10.05 -32.83
C LEU D 60 0.47 9.65 -31.41
N ARG D 61 0.31 8.35 -31.15
CA ARG D 61 -0.26 7.90 -29.88
C ARG D 61 0.84 7.32 -28.98
N LEU D 62 2.09 7.43 -29.41
CA LEU D 62 3.22 6.85 -28.69
C LEU D 62 3.33 7.38 -27.26
N THR D 63 3.60 6.46 -26.34
CA THR D 63 3.78 6.81 -24.93
C THR D 63 5.25 6.61 -24.54
N GLU D 64 5.64 7.28 -23.45
CA GLU D 64 6.92 7.10 -22.78
C GLU D 64 7.23 5.60 -22.60
N GLU D 65 6.26 4.83 -22.06
CA GLU D 65 6.40 3.41 -21.80
C GLU D 65 6.72 2.63 -23.08
N GLU D 66 5.97 2.89 -24.17
CA GLU D 66 6.16 2.12 -25.40
C GLU D 66 7.54 2.45 -25.99
N LEU D 67 7.95 3.72 -25.84
CA LEU D 67 9.19 4.23 -26.40
C LEU D 67 10.35 3.55 -25.69
N GLN D 68 10.26 3.42 -24.35
CA GLN D 68 11.29 2.79 -23.54
C GLN D 68 11.35 1.28 -23.75
N THR D 69 10.21 0.60 -23.53
CA THR D 69 10.17 -0.85 -23.45
C THR D 69 10.07 -1.51 -24.83
N ASP D 70 9.20 -1.02 -25.71
CA ASP D 70 8.98 -1.70 -26.98
C ASP D 70 9.94 -1.19 -28.06
N LEU D 71 10.39 0.07 -27.98
CA LEU D 71 11.22 0.62 -29.03
C LEU D 71 12.70 0.76 -28.61
N GLY D 72 13.00 0.44 -27.33
CA GLY D 72 14.36 0.35 -26.83
C GLY D 72 15.06 1.71 -26.65
N MET D 73 14.30 2.76 -26.38
CA MET D 73 14.90 4.05 -26.13
C MET D 73 15.03 4.20 -24.60
N LYS D 74 16.18 3.72 -24.07
CA LYS D 74 16.41 3.54 -22.64
C LYS D 74 16.54 4.89 -21.91
N SER D 75 17.18 5.88 -22.54
CA SER D 75 17.48 7.16 -21.91
C SER D 75 16.25 8.07 -21.85
N GLY D 76 15.98 8.59 -20.66
CA GLY D 76 14.95 9.60 -20.47
C GLY D 76 15.24 10.89 -21.23
N ILE D 77 16.54 11.20 -21.38
CA ILE D 77 16.94 12.41 -22.07
C ILE D 77 16.71 12.23 -23.57
N THR D 78 17.05 11.04 -24.09
CA THR D 78 16.77 10.75 -25.49
C THR D 78 15.27 10.78 -25.77
N ARG D 79 14.48 10.25 -24.84
CA ARG D 79 13.03 10.25 -25.00
C ARG D 79 12.53 11.69 -25.05
N LYS D 80 13.11 12.55 -24.20
CA LYS D 80 12.72 13.95 -24.14
C LYS D 80 13.03 14.62 -25.48
N ARG D 81 14.21 14.31 -26.06
CA ARG D 81 14.56 14.86 -27.37
C ARG D 81 13.53 14.37 -28.42
N PHE D 82 13.16 13.09 -28.33
CA PHE D 82 12.27 12.50 -29.30
C PHE D 82 10.91 13.21 -29.24
N PHE D 83 10.38 13.39 -28.03
CA PHE D 83 9.09 14.02 -27.84
C PHE D 83 9.11 15.49 -28.27
N ARG D 84 10.29 16.09 -28.20
CA ARG D 84 10.46 17.46 -28.63
C ARG D 84 10.20 17.53 -30.14
N GLU D 85 10.77 16.57 -30.89
CA GLU D 85 10.56 16.45 -32.32
C GLU D 85 9.12 16.05 -32.66
N LEU D 86 8.55 15.10 -31.90
CA LEU D 86 7.19 14.65 -32.15
C LEU D 86 6.19 15.80 -31.95
N THR D 87 6.44 16.61 -30.92
CA THR D 87 5.58 17.75 -30.64
C THR D 87 5.58 18.73 -31.81
N GLU D 88 6.77 18.94 -32.40
CA GLU D 88 6.89 19.78 -33.56
C GLU D 88 6.04 19.22 -34.70
N LEU D 89 6.24 17.93 -35.03
CA LEU D 89 5.47 17.29 -36.08
C LEU D 89 3.96 17.43 -35.82
N LYS D 90 3.53 17.14 -34.58
CA LYS D 90 2.13 17.19 -34.24
C LYS D 90 1.60 18.62 -34.40
N THR D 91 2.47 19.63 -34.20
CA THR D 91 2.07 21.03 -34.25
C THR D 91 1.73 21.44 -35.68
N PHE D 92 2.42 20.84 -36.65
CA PHE D 92 2.30 21.25 -38.04
C PHE D 92 1.52 20.24 -38.90
N ALA D 93 0.93 19.20 -38.29
CA ALA D 93 0.36 18.12 -39.09
C ALA D 93 -1.02 18.50 -39.63
N ASN D 94 -1.37 17.81 -40.72
CA ASN D 94 -2.73 17.92 -41.26
C ASN D 94 -3.59 16.78 -40.70
N TYR D 95 -4.67 17.14 -39.99
CA TYR D 95 -5.49 16.17 -39.31
C TYR D 95 -6.85 15.96 -39.99
N SER D 96 -6.99 16.45 -41.23
CA SER D 96 -8.29 16.62 -41.89
C SER D 96 -9.05 15.30 -42.01
N THR D 97 -8.35 14.19 -42.27
CA THR D 97 -8.99 12.87 -42.35
C THR D 97 -9.78 12.52 -41.10
N CYS D 98 -9.26 12.89 -39.91
CA CYS D 98 -9.82 12.45 -38.64
CA CYS D 98 -9.82 12.45 -38.65
C CYS D 98 -10.46 13.61 -37.86
N ASP D 99 -10.38 14.84 -38.38
CA ASP D 99 -10.78 16.01 -37.59
C ASP D 99 -11.88 16.82 -38.29
N ARG D 100 -13.10 16.28 -38.33
CA ARG D 100 -14.16 16.88 -39.15
C ARG D 100 -14.58 18.26 -38.64
N SER D 101 -14.51 18.51 -37.33
CA SER D 101 -14.95 19.78 -36.78
C SER D 101 -13.81 20.82 -36.74
N ASN D 102 -12.61 20.44 -37.25
CA ASN D 102 -11.42 21.27 -37.22
C ASN D 102 -11.06 21.76 -35.81
N LEU D 103 -10.86 20.81 -34.88
CA LEU D 103 -10.38 21.11 -33.55
C LEU D 103 -8.96 21.67 -33.62
N ALA D 104 -8.19 21.20 -34.62
CA ALA D 104 -6.82 21.65 -34.80
C ALA D 104 -6.73 23.19 -34.79
N ASP D 105 -7.56 23.85 -35.60
CA ASP D 105 -7.52 25.30 -35.72
C ASP D 105 -8.02 25.95 -34.44
N TRP D 106 -9.04 25.35 -33.82
CA TRP D 106 -9.57 25.89 -32.57
C TRP D 106 -8.47 25.91 -31.50
N LEU D 107 -7.77 24.77 -31.33
CA LEU D 107 -6.68 24.66 -30.36
C LEU D 107 -5.55 25.62 -30.70
N GLY D 108 -5.17 25.68 -31.99
CA GLY D 108 -4.12 26.56 -32.47
C GLY D 108 -4.40 28.05 -32.20
N SER D 109 -5.67 28.46 -32.34
CA SER D 109 -6.06 29.85 -32.16
C SER D 109 -5.89 30.25 -30.69
N LEU D 110 -6.11 29.29 -29.77
CA LEU D 110 -5.92 29.48 -28.35
C LEU D 110 -4.45 29.72 -28.03
N ASP D 111 -3.60 28.84 -28.60
CA ASP D 111 -2.14 28.88 -28.47
C ASP D 111 -1.57 27.89 -29.49
N PRO D 112 -0.65 28.29 -30.39
CA PRO D 112 -0.10 27.37 -31.39
C PRO D 112 0.41 26.03 -30.83
N ARG D 113 0.79 26.04 -29.56
CA ARG D 113 1.38 24.88 -28.90
C ARG D 113 0.33 23.85 -28.51
N PHE D 114 -0.96 24.22 -28.55
CA PHE D 114 -2.06 23.34 -28.24
C PHE D 114 -2.51 22.46 -29.42
N ARG D 115 -2.13 22.86 -30.65
CA ARG D 115 -2.45 22.13 -31.86
C ARG D 115 -1.96 20.68 -31.74
N GLN D 116 -0.91 20.48 -30.94
CA GLN D 116 -0.26 19.18 -30.82
C GLN D 116 -1.21 18.18 -30.16
N TYR D 117 -2.30 18.63 -29.52
CA TYR D 117 -3.19 17.76 -28.78
C TYR D 117 -4.38 17.28 -29.62
N THR D 118 -4.44 17.70 -30.88
CA THR D 118 -5.52 17.37 -31.77
C THR D 118 -5.82 15.87 -31.80
N TYR D 119 -4.80 15.01 -32.02
CA TYR D 119 -5.05 13.61 -32.28
C TYR D 119 -5.52 12.92 -31.00
N GLY D 120 -4.97 13.37 -29.87
CA GLY D 120 -5.41 12.88 -28.58
C GLY D 120 -6.92 13.10 -28.40
N LEU D 121 -7.43 14.29 -28.76
CA LEU D 121 -8.83 14.61 -28.57
C LEU D 121 -9.70 13.87 -29.60
N VAL D 122 -9.32 13.88 -30.88
CA VAL D 122 -10.21 13.31 -31.89
C VAL D 122 -10.24 11.79 -31.80
N SER D 123 -9.15 11.16 -31.32
CA SER D 123 -9.09 9.70 -31.11
C SER D 123 -10.13 9.21 -30.08
N CYS D 124 -10.50 10.05 -29.10
CA CYS D 124 -11.53 9.72 -28.13
C CYS D 124 -12.92 10.07 -28.67
N GLY D 125 -12.98 10.61 -29.90
CA GLY D 125 -14.24 10.95 -30.52
C GLY D 125 -14.73 12.36 -30.18
N LEU D 126 -13.86 13.17 -29.54
CA LEU D 126 -14.21 14.54 -29.19
C LEU D 126 -14.24 15.39 -30.46
N ASP D 127 -15.04 16.45 -30.42
CA ASP D 127 -15.11 17.46 -31.47
C ASP D 127 -15.42 18.79 -30.76
N ARG D 128 -15.53 19.88 -31.52
CA ARG D 128 -15.80 21.20 -30.95
C ARG D 128 -17.04 21.19 -30.02
N SER D 129 -18.13 20.55 -30.49
CA SER D 129 -19.39 20.53 -29.75
C SER D 129 -19.32 19.76 -28.43
N LEU D 130 -18.47 18.73 -28.35
CA LEU D 130 -18.43 17.86 -27.18
C LEU D 130 -17.41 18.34 -26.14
N LEU D 131 -16.48 19.23 -26.57
CA LEU D 131 -15.27 19.48 -25.79
C LEU D 131 -15.58 19.97 -24.37
N HIS D 132 -16.65 20.76 -24.26
CA HIS D 132 -17.10 21.41 -23.04
C HIS D 132 -17.36 20.38 -21.92
N ARG D 133 -17.67 19.12 -22.27
CA ARG D 133 -18.11 18.15 -21.27
C ARG D 133 -16.91 17.43 -20.66
N VAL D 134 -15.73 17.57 -21.30
CA VAL D 134 -14.54 16.89 -20.81
C VAL D 134 -14.06 17.47 -19.47
N SER D 135 -13.50 16.61 -18.61
CA SER D 135 -12.94 16.99 -17.32
C SER D 135 -11.41 17.00 -17.40
N GLU D 136 -10.75 17.58 -16.40
CA GLU D 136 -9.31 17.69 -16.38
C GLU D 136 -8.68 16.29 -16.33
N GLN D 137 -9.24 15.39 -15.52
CA GLN D 137 -8.78 14.00 -15.45
C GLN D 137 -8.84 13.34 -16.84
N GLN D 138 -9.95 13.56 -17.57
CA GLN D 138 -10.14 12.98 -18.88
C GLN D 138 -9.09 13.52 -19.86
N LEU D 139 -8.76 14.80 -19.78
CA LEU D 139 -7.77 15.34 -20.70
C LEU D 139 -6.41 14.74 -20.42
N LEU D 140 -6.14 14.37 -19.15
CA LEU D 140 -4.89 13.73 -18.79
C LEU D 140 -4.87 12.26 -19.18
N GLU D 141 -5.86 11.50 -18.69
CA GLU D 141 -5.89 10.04 -18.78
C GLU D 141 -6.29 9.55 -20.17
N ASP D 142 -7.29 10.20 -20.78
CA ASP D 142 -7.84 9.72 -22.05
C ASP D 142 -7.12 10.36 -23.23
N CYS D 143 -6.73 11.64 -23.10
CA CYS D 143 -6.29 12.40 -24.25
C CYS D 143 -4.78 12.65 -24.23
N GLY D 144 -4.12 12.37 -23.10
CA GLY D 144 -2.67 12.45 -23.00
C GLY D 144 -2.12 13.87 -22.92
N ILE D 145 -2.87 14.81 -22.32
CA ILE D 145 -2.39 16.16 -22.08
C ILE D 145 -1.79 16.19 -20.67
N HIS D 146 -0.44 16.18 -20.61
CA HIS D 146 0.33 15.99 -19.39
C HIS D 146 0.53 17.28 -18.57
N LEU D 147 0.62 18.45 -19.22
CA LEU D 147 0.78 19.72 -18.53
C LEU D 147 -0.57 20.22 -18.00
N GLY D 148 -0.65 20.34 -16.68
CA GLY D 148 -1.84 20.89 -16.01
C GLY D 148 -2.25 22.29 -16.51
N VAL D 149 -1.25 23.14 -16.78
CA VAL D 149 -1.48 24.48 -17.27
C VAL D 149 -2.24 24.41 -18.58
N HIS D 150 -1.82 23.51 -19.47
CA HIS D 150 -2.47 23.33 -20.77
C HIS D 150 -3.90 22.83 -20.59
N ARG D 151 -4.07 21.82 -19.73
CA ARG D 151 -5.37 21.23 -19.46
C ARG D 151 -6.36 22.33 -19.05
N ALA D 152 -5.93 23.13 -18.08
CA ALA D 152 -6.79 24.15 -17.47
C ALA D 152 -7.20 25.19 -18.51
N ARG D 153 -6.25 25.58 -19.40
CA ARG D 153 -6.52 26.61 -20.39
C ARG D 153 -7.49 26.09 -21.45
N ILE D 154 -7.32 24.82 -21.83
CA ILE D 154 -8.16 24.22 -22.84
C ILE D 154 -9.58 24.08 -22.29
N LEU D 155 -9.68 23.66 -21.04
CA LEU D 155 -10.94 23.42 -20.34
C LEU D 155 -11.74 24.75 -20.25
N THR D 156 -11.07 25.77 -19.73
CA THR D 156 -11.65 27.09 -19.58
C THR D 156 -12.22 27.61 -20.92
N ALA D 157 -11.41 27.53 -22.00
CA ALA D 157 -11.86 28.04 -23.29
C ALA D 157 -12.99 27.21 -23.85
N ALA D 158 -13.05 25.93 -23.48
CA ALA D 158 -14.05 25.02 -24.01
C ALA D 158 -15.41 25.35 -23.42
N ARG D 159 -15.43 25.84 -22.16
CA ARG D 159 -16.66 26.15 -21.47
C ARG D 159 -17.29 27.44 -22.00
N GLU D 160 -16.47 28.29 -22.65
CA GLU D 160 -16.91 29.60 -23.07
C GLU D 160 -17.10 29.64 -24.59
N MET D 161 -17.21 28.48 -25.28
CA MET D 161 -17.20 28.55 -26.75
C MET D 161 -18.61 28.57 -27.37
N LEU D 162 -18.69 28.97 -28.64
CA LEU D 162 -19.97 29.19 -29.30
C LEU D 162 -20.42 27.91 -30.03
N HIS D 163 -21.66 27.46 -29.76
CA HIS D 163 -22.19 26.21 -30.27
C HIS D 163 -23.29 26.48 -31.31
N SER D 164 -23.93 25.41 -31.80
CA SER D 164 -24.91 25.54 -32.87
C SER D 164 -26.16 24.69 -32.55
N PRO E 18 31.26 38.57 -29.88
CA PRO E 18 31.15 39.43 -28.68
C PRO E 18 30.54 38.69 -27.48
N ARG E 19 30.98 39.04 -26.26
CA ARG E 19 30.66 38.31 -25.04
C ARG E 19 29.44 38.96 -24.37
N PRO E 20 28.32 38.23 -24.12
CA PRO E 20 27.18 38.82 -23.42
C PRO E 20 27.38 38.65 -21.92
N ILE E 21 26.71 39.49 -21.11
CA ILE E 21 26.87 39.35 -19.67
C ILE E 21 26.07 38.15 -19.18
N LEU E 22 24.74 38.18 -19.41
CA LEU E 22 23.89 37.08 -19.03
C LEU E 22 23.89 36.09 -20.19
N PRO E 23 24.26 34.80 -19.99
CA PRO E 23 24.32 33.85 -21.11
C PRO E 23 22.92 33.44 -21.57
N SER E 24 22.76 33.26 -22.88
CA SER E 24 21.51 32.87 -23.51
C SER E 24 21.36 31.35 -23.49
N VAL E 25 21.19 30.79 -22.27
CA VAL E 25 21.24 29.36 -22.06
C VAL E 25 20.17 28.63 -22.88
N PRO E 26 18.92 29.14 -23.00
CA PRO E 26 17.93 28.49 -23.84
C PRO E 26 18.39 28.20 -25.27
N SER E 27 19.31 29.00 -25.81
CA SER E 27 19.80 28.88 -27.18
C SER E 27 21.13 28.13 -27.24
N TRP E 28 21.67 27.74 -26.08
CA TRP E 28 22.95 27.04 -26.05
C TRP E 28 22.88 25.76 -26.88
N LYS E 29 24.00 25.42 -27.52
CA LYS E 29 24.14 24.13 -28.17
C LYS E 29 25.02 23.23 -27.31
N GLU E 30 25.15 21.96 -27.71
CA GLU E 30 25.96 20.99 -27.01
C GLU E 30 27.32 21.57 -26.64
N ALA E 31 27.96 22.31 -27.56
CA ALA E 31 29.32 22.81 -27.37
C ALA E 31 29.38 23.79 -26.21
N GLU E 32 28.37 24.66 -26.06
CA GLU E 32 28.34 25.61 -24.96
C GLU E 32 28.11 24.93 -23.61
N VAL E 33 27.29 23.87 -23.61
CA VAL E 33 27.05 23.06 -22.43
C VAL E 33 28.35 22.39 -21.98
N GLN E 34 29.12 21.90 -22.98
CA GLN E 34 30.39 21.24 -22.73
C GLN E 34 31.35 22.21 -22.05
N THR E 35 31.42 23.45 -22.58
CA THR E 35 32.30 24.48 -22.07
C THR E 35 31.96 24.74 -20.61
N TRP E 36 30.66 24.87 -20.32
CA TRP E 36 30.17 25.20 -18.99
C TRP E 36 30.54 24.11 -17.99
N LEU E 37 30.43 22.84 -18.42
CA LEU E 37 30.76 21.71 -17.56
C LEU E 37 32.23 21.79 -17.14
N GLN E 38 33.11 22.15 -18.10
CA GLN E 38 34.54 22.30 -17.83
C GLN E 38 34.75 23.38 -16.78
N GLN E 39 34.14 24.55 -16.99
CA GLN E 39 34.31 25.71 -16.12
CA GLN E 39 34.32 25.70 -16.11
C GLN E 39 33.92 25.40 -14.67
N ILE E 40 32.90 24.54 -14.47
CA ILE E 40 32.39 24.31 -13.13
C ILE E 40 33.01 23.07 -12.51
N GLY E 41 33.99 22.47 -13.21
CA GLY E 41 34.74 21.35 -12.68
C GLY E 41 33.98 20.03 -12.79
N PHE E 42 33.17 19.89 -13.86
CA PHE E 42 32.46 18.65 -14.10
C PHE E 42 32.91 17.99 -15.41
N SER E 43 34.18 18.14 -15.76
CA SER E 43 34.77 17.60 -16.99
C SER E 43 34.53 16.11 -17.09
N LYS E 44 34.52 15.45 -15.93
CA LYS E 44 34.29 14.02 -15.81
C LYS E 44 32.99 13.62 -16.52
N TYR E 45 32.02 14.55 -16.62
CA TYR E 45 30.69 14.24 -17.12
C TYR E 45 30.49 14.70 -18.56
N CYS E 46 31.53 15.29 -19.16
CA CYS E 46 31.45 15.83 -20.52
C CYS E 46 31.01 14.77 -21.51
N GLU E 47 31.58 13.56 -21.37
CA GLU E 47 31.29 12.47 -22.29
C GLU E 47 29.80 12.11 -22.25
N SER E 48 29.25 11.90 -21.04
CA SER E 48 27.85 11.56 -20.86
C SER E 48 26.93 12.62 -21.46
N PHE E 49 27.23 13.89 -21.20
CA PHE E 49 26.43 14.98 -21.68
C PHE E 49 26.46 15.04 -23.20
N ARG E 50 27.62 14.70 -23.78
CA ARG E 50 27.84 14.69 -25.22
C ARG E 50 27.05 13.55 -25.86
N GLU E 51 27.20 12.34 -25.30
CA GLU E 51 26.52 11.14 -25.79
C GLU E 51 25.00 11.35 -25.73
N GLN E 52 24.49 12.04 -24.69
CA GLN E 52 23.06 12.24 -24.47
C GLN E 52 22.56 13.46 -25.24
N GLN E 53 23.48 14.19 -25.86
CA GLN E 53 23.18 15.36 -26.66
C GLN E 53 22.45 16.47 -25.87
N VAL E 54 22.94 16.78 -24.66
CA VAL E 54 22.35 17.81 -23.84
C VAL E 54 22.68 19.19 -24.41
N ASP E 55 21.63 19.92 -24.79
CA ASP E 55 21.74 21.32 -25.21
C ASP E 55 21.14 22.20 -24.11
N GLY E 56 21.00 23.49 -24.39
CA GLY E 56 20.56 24.46 -23.40
C GLY E 56 19.19 24.11 -22.85
N ASP E 57 18.27 23.80 -23.77
CA ASP E 57 16.91 23.47 -23.42
C ASP E 57 16.86 22.29 -22.46
N LEU E 58 17.62 21.24 -22.77
CA LEU E 58 17.62 20.04 -21.95
C LEU E 58 18.31 20.30 -20.62
N LEU E 59 19.40 21.11 -20.65
CA LEU E 59 20.14 21.44 -19.45
C LEU E 59 19.22 22.16 -18.45
N LEU E 60 18.42 23.11 -18.95
CA LEU E 60 17.52 23.86 -18.10
C LEU E 60 16.44 22.97 -17.51
N ARG E 61 16.11 21.86 -18.17
CA ARG E 61 14.97 21.03 -17.79
C ARG E 61 15.42 19.77 -17.06
N LEU E 62 16.74 19.62 -16.86
CA LEU E 62 17.34 18.43 -16.28
C LEU E 62 16.71 18.12 -14.91
N THR E 63 16.38 16.84 -14.66
CA THR E 63 15.86 16.35 -13.40
C THR E 63 16.91 15.50 -12.67
N GLU E 64 16.71 15.34 -11.36
CA GLU E 64 17.45 14.43 -10.49
C GLU E 64 17.57 13.05 -11.15
N GLU E 65 16.44 12.51 -11.63
CA GLU E 65 16.36 11.18 -12.22
C GLU E 65 17.27 11.06 -13.46
N GLU E 66 17.20 12.06 -14.35
CA GLU E 66 17.97 12.03 -15.59
C GLU E 66 19.45 12.09 -15.26
N LEU E 67 19.78 12.90 -14.24
CA LEU E 67 21.14 13.15 -13.84
C LEU E 67 21.78 11.86 -13.30
N GLN E 68 21.01 11.14 -12.47
CA GLN E 68 21.43 9.87 -11.89
C GLN E 68 21.52 8.75 -12.92
N THR E 69 20.40 8.48 -13.62
CA THR E 69 20.25 7.30 -14.47
C THR E 69 20.88 7.50 -15.86
N ASP E 70 20.60 8.63 -16.53
CA ASP E 70 20.98 8.79 -17.91
C ASP E 70 22.38 9.41 -18.02
N LEU E 71 22.77 10.20 -17.02
CA LEU E 71 24.07 10.87 -17.11
C LEU E 71 25.11 10.23 -16.18
N GLY E 72 24.67 9.29 -15.33
CA GLY E 72 25.57 8.45 -14.57
C GLY E 72 26.16 9.15 -13.35
N MET E 73 25.44 10.14 -12.79
CA MET E 73 25.92 10.84 -11.61
C MET E 73 25.30 10.19 -10.37
N LYS E 74 25.99 9.17 -9.85
CA LYS E 74 25.45 8.24 -8.85
C LYS E 74 25.31 8.89 -7.48
N SER E 75 26.25 9.79 -7.13
CA SER E 75 26.25 10.42 -5.81
C SER E 75 25.21 11.52 -5.68
N GLY E 76 24.41 11.47 -4.62
CA GLY E 76 23.48 12.52 -4.27
C GLY E 76 24.21 13.83 -3.91
N ILE E 77 25.41 13.71 -3.35
CA ILE E 77 26.22 14.87 -3.01
C ILE E 77 26.70 15.53 -4.30
N THR E 78 27.17 14.72 -5.25
CA THR E 78 27.63 15.25 -6.53
C THR E 78 26.48 15.94 -7.25
N ARG E 79 25.30 15.33 -7.20
CA ARG E 79 24.13 15.90 -7.85
C ARG E 79 23.77 17.24 -7.20
N LYS E 80 23.91 17.32 -5.87
CA LYS E 80 23.66 18.55 -5.16
C LYS E 80 24.64 19.62 -5.63
N ARG E 81 25.94 19.28 -5.79
CA ARG E 81 26.93 20.24 -6.26
C ARG E 81 26.53 20.72 -7.66
N PHE E 82 26.09 19.77 -8.49
CA PHE E 82 25.72 20.06 -9.86
C PHE E 82 24.58 21.08 -9.88
N PHE E 83 23.51 20.78 -9.13
CA PHE E 83 22.33 21.63 -9.11
C PHE E 83 22.63 23.01 -8.50
N ARG E 84 23.64 23.06 -7.63
CA ARG E 84 24.05 24.31 -7.04
C ARG E 84 24.54 25.24 -8.16
N GLU E 85 25.36 24.69 -9.07
CA GLU E 85 25.89 25.39 -10.23
C GLU E 85 24.79 25.73 -11.23
N LEU E 86 23.89 24.75 -11.50
CA LEU E 86 22.81 24.95 -12.45
C LEU E 86 21.85 26.04 -11.98
N THR E 87 21.57 26.07 -10.67
CA THR E 87 20.67 27.06 -10.10
C THR E 87 21.23 28.47 -10.32
N GLU E 88 22.55 28.60 -10.17
CA GLU E 88 23.22 29.88 -10.38
C GLU E 88 23.06 30.29 -11.84
N LEU E 89 23.34 29.35 -12.75
CA LEU E 89 23.22 29.59 -14.18
C LEU E 89 21.80 30.03 -14.50
N LYS E 90 20.83 29.29 -13.96
CA LYS E 90 19.42 29.59 -14.25
C LYS E 90 19.04 30.97 -13.74
N THR E 91 19.62 31.34 -12.59
CA THR E 91 19.28 32.62 -11.98
C THR E 91 19.71 33.82 -12.85
N PHE E 92 20.84 33.70 -13.56
CA PHE E 92 21.44 34.83 -14.25
C PHE E 92 21.36 34.67 -15.77
N ALA E 93 20.52 33.75 -16.26
CA ALA E 93 20.46 33.52 -17.70
C ALA E 93 19.61 34.57 -18.40
N ASN E 94 19.90 34.73 -19.71
CA ASN E 94 19.08 35.57 -20.57
C ASN E 94 17.95 34.74 -21.20
N TYR E 95 16.70 35.09 -20.90
CA TYR E 95 15.54 34.31 -21.30
C TYR E 95 14.74 35.02 -22.40
N SER E 96 15.29 36.09 -22.99
CA SER E 96 14.54 37.01 -23.82
C SER E 96 13.93 36.30 -25.04
N THR E 97 14.65 35.38 -25.68
CA THR E 97 14.09 34.60 -26.79
C THR E 97 12.77 33.89 -26.44
N CYS E 98 12.63 33.36 -25.21
CA CYS E 98 11.51 32.51 -24.84
CA CYS E 98 11.51 32.50 -24.84
C CYS E 98 10.59 33.17 -23.82
N ASP E 99 10.90 34.41 -23.40
CA ASP E 99 10.14 35.05 -22.33
C ASP E 99 9.61 36.41 -22.79
N ARG E 100 8.59 36.39 -23.65
CA ARG E 100 8.10 37.61 -24.29
C ARG E 100 7.53 38.60 -23.29
N SER E 101 6.89 38.12 -22.21
CA SER E 101 6.20 38.99 -21.29
C SER E 101 7.12 39.40 -20.12
N ASN E 102 8.39 38.93 -20.16
CA ASN E 102 9.38 39.26 -19.15
C ASN E 102 8.96 38.79 -17.75
N LEU E 103 8.67 37.49 -17.63
CA LEU E 103 8.40 36.88 -16.33
C LEU E 103 9.67 36.86 -15.47
N ALA E 104 10.83 36.79 -16.14
CA ALA E 104 12.10 36.83 -15.44
C ALA E 104 12.19 38.02 -14.49
N ASP E 105 11.90 39.23 -14.98
CA ASP E 105 11.96 40.44 -14.14
C ASP E 105 10.88 40.44 -13.07
N TRP E 106 9.69 39.93 -13.40
CA TRP E 106 8.62 39.83 -12.43
C TRP E 106 9.05 38.96 -11.25
N LEU E 107 9.62 37.79 -11.55
CA LEU E 107 10.09 36.86 -10.51
C LEU E 107 11.23 37.50 -9.72
N GLY E 108 12.17 38.12 -10.45
CA GLY E 108 13.34 38.79 -9.88
C GLY E 108 12.96 39.90 -8.89
N SER E 109 11.90 40.65 -9.21
CA SER E 109 11.41 41.75 -8.38
C SER E 109 10.90 41.23 -7.03
N LEU E 110 10.29 40.05 -7.03
CA LEU E 110 9.84 39.38 -5.84
C LEU E 110 11.03 38.98 -4.95
N ASP E 111 12.04 38.37 -5.57
CA ASP E 111 13.28 37.89 -4.94
C ASP E 111 14.21 37.47 -6.07
N PRO E 112 15.45 38.01 -6.17
CA PRO E 112 16.35 37.66 -7.27
C PRO E 112 16.51 36.17 -7.49
N ARG E 113 16.35 35.37 -6.42
CA ARG E 113 16.57 33.92 -6.46
C ARG E 113 15.44 33.18 -7.20
N PHE E 114 14.31 33.84 -7.41
CA PHE E 114 13.14 33.26 -8.04
C PHE E 114 13.30 33.25 -9.57
N ARG E 115 14.25 34.03 -10.07
CA ARG E 115 14.50 34.14 -11.49
C ARG E 115 14.86 32.75 -12.06
N GLN E 116 15.36 31.88 -11.18
CA GLN E 116 15.72 30.52 -11.58
C GLN E 116 14.53 29.69 -12.09
N TYR E 117 13.30 30.11 -11.81
CA TYR E 117 12.11 29.39 -12.17
C TYR E 117 11.58 29.83 -13.54
N THR E 118 12.25 30.80 -14.20
CA THR E 118 11.72 31.39 -15.42
C THR E 118 11.39 30.32 -16.47
N TYR E 119 12.36 29.45 -16.76
CA TYR E 119 12.20 28.51 -17.84
C TYR E 119 11.11 27.50 -17.51
N GLY E 120 11.00 27.11 -16.25
CA GLY E 120 9.91 26.29 -15.78
C GLY E 120 8.54 26.90 -16.14
N LEU E 121 8.36 28.21 -15.88
CA LEU E 121 7.08 28.87 -16.13
C LEU E 121 6.82 29.03 -17.63
N VAL E 122 7.83 29.46 -18.40
CA VAL E 122 7.59 29.77 -19.81
C VAL E 122 7.44 28.50 -20.62
N SER E 123 8.05 27.40 -20.15
CA SER E 123 7.96 26.09 -20.80
C SER E 123 6.55 25.51 -20.74
N CYS E 124 5.72 25.90 -19.75
CA CYS E 124 4.32 25.51 -19.70
C CYS E 124 3.44 26.49 -20.48
N GLY E 125 4.03 27.55 -21.03
CA GLY E 125 3.28 28.53 -21.79
C GLY E 125 2.64 29.61 -20.92
N LEU E 126 3.06 29.70 -19.66
CA LEU E 126 2.66 30.81 -18.80
C LEU E 126 3.33 32.11 -19.27
N ASP E 127 2.63 33.23 -19.01
CA ASP E 127 3.13 34.58 -19.20
C ASP E 127 2.50 35.45 -18.10
N ARG E 128 2.82 36.75 -18.07
CA ARG E 128 2.31 37.65 -17.05
C ARG E 128 0.78 37.59 -16.98
N SER E 129 0.11 37.66 -18.14
CA SER E 129 -1.34 37.71 -18.21
C SER E 129 -2.02 36.44 -17.66
N LEU E 130 -1.35 35.29 -17.76
CA LEU E 130 -1.94 34.01 -17.37
C LEU E 130 -1.63 33.67 -15.92
N LEU E 131 -0.65 34.38 -15.33
CA LEU E 131 -0.01 33.98 -14.09
C LEU E 131 -1.03 33.98 -12.94
N HIS E 132 -2.03 34.87 -13.03
CA HIS E 132 -3.01 35.04 -11.96
C HIS E 132 -3.82 33.76 -11.72
N ARG E 133 -3.91 32.91 -12.76
CA ARG E 133 -4.79 31.75 -12.74
CA ARG E 133 -4.79 31.75 -12.74
C ARG E 133 -4.04 30.52 -12.22
N VAL E 134 -2.73 30.62 -12.04
CA VAL E 134 -1.92 29.44 -11.74
C VAL E 134 -2.24 28.88 -10.35
N SER E 135 -2.19 27.56 -10.19
CA SER E 135 -2.49 26.87 -8.95
C SER E 135 -1.19 26.35 -8.30
N GLU E 136 -1.29 25.92 -7.05
CA GLU E 136 -0.16 25.37 -6.32
C GLU E 136 0.33 24.10 -7.02
N GLN E 137 -0.60 23.24 -7.42
CA GLN E 137 -0.26 21.99 -8.04
C GLN E 137 0.54 22.25 -9.33
N GLN E 138 0.07 23.24 -10.12
CA GLN E 138 0.74 23.61 -11.36
C GLN E 138 2.19 24.07 -11.11
N LEU E 139 2.40 24.89 -10.07
CA LEU E 139 3.74 25.39 -9.80
C LEU E 139 4.68 24.25 -9.42
N LEU E 140 4.15 23.26 -8.68
CA LEU E 140 4.93 22.09 -8.26
C LEU E 140 5.17 21.11 -9.42
N GLU E 141 4.09 20.64 -10.06
CA GLU E 141 4.18 19.54 -11.02
C GLU E 141 4.64 20.03 -12.40
N ASP E 142 4.10 21.17 -12.85
CA ASP E 142 4.35 21.62 -14.22
C ASP E 142 5.59 22.52 -14.28
N CYS E 143 5.81 23.34 -13.25
CA CYS E 143 6.85 24.35 -13.29
C CYS E 143 8.11 23.90 -12.54
N GLY E 144 7.99 22.88 -11.69
CA GLY E 144 9.13 22.29 -11.00
C GLY E 144 9.65 23.14 -9.85
N ILE E 145 8.76 23.88 -9.19
CA ILE E 145 9.11 24.63 -7.99
C ILE E 145 8.85 23.74 -6.77
N HIS E 146 9.94 23.17 -6.23
CA HIS E 146 9.90 22.13 -5.23
C HIS E 146 9.79 22.70 -3.80
N LEU E 147 10.37 23.89 -3.55
CA LEU E 147 10.36 24.52 -2.24
C LEU E 147 9.02 25.19 -1.98
N GLY E 148 8.30 24.70 -0.95
CA GLY E 148 7.01 25.21 -0.52
C GLY E 148 7.03 26.72 -0.28
N VAL E 149 8.09 27.19 0.39
CA VAL E 149 8.26 28.61 0.72
C VAL E 149 8.18 29.45 -0.55
N HIS E 150 8.91 29.02 -1.57
CA HIS E 150 8.98 29.70 -2.85
C HIS E 150 7.64 29.68 -3.55
N ARG E 151 6.98 28.49 -3.57
CA ARG E 151 5.70 28.33 -4.24
C ARG E 151 4.72 29.32 -3.65
N ALA E 152 4.66 29.36 -2.30
CA ALA E 152 3.69 30.15 -1.59
C ALA E 152 3.86 31.63 -1.94
N ARG E 153 5.11 32.12 -1.96
CA ARG E 153 5.39 33.51 -2.23
C ARG E 153 5.01 33.88 -3.66
N ILE E 154 5.35 32.97 -4.60
CA ILE E 154 5.06 33.20 -6.01
C ILE E 154 3.55 33.19 -6.27
N LEU E 155 2.86 32.23 -5.64
CA LEU E 155 1.42 32.09 -5.73
C LEU E 155 0.72 33.36 -5.23
N THR E 156 1.07 33.79 -4.00
CA THR E 156 0.53 34.98 -3.38
C THR E 156 0.65 36.17 -4.33
N ALA E 157 1.87 36.42 -4.83
CA ALA E 157 2.14 37.58 -5.65
C ALA E 157 1.40 37.51 -6.98
N ALA E 158 1.13 36.29 -7.44
CA ALA E 158 0.49 36.08 -8.72
C ALA E 158 -0.99 36.44 -8.65
N ARG E 159 -1.61 36.18 -7.49
CA ARG E 159 -3.04 36.38 -7.27
C ARG E 159 -3.36 37.88 -7.20
N GLU E 160 -2.37 38.67 -6.77
CA GLU E 160 -2.57 40.09 -6.48
C GLU E 160 -2.01 40.96 -7.60
N MET E 161 -1.95 40.39 -8.81
CA MET E 161 -1.45 41.05 -10.00
C MET E 161 -2.58 41.81 -10.71
N LEU E 162 -2.18 42.74 -11.59
CA LEU E 162 -3.12 43.51 -12.38
C LEU E 162 -3.36 42.77 -13.70
N HIS E 163 -4.61 42.32 -13.91
CA HIS E 163 -4.99 41.48 -15.03
C HIS E 163 -5.20 42.32 -16.29
N PRO F 18 41.73 24.60 21.68
CA PRO F 18 40.38 24.72 22.24
C PRO F 18 39.29 24.60 21.17
N ARG F 19 38.16 25.26 21.42
CA ARG F 19 36.93 25.11 20.66
C ARG F 19 36.78 26.33 19.74
N PRO F 20 36.64 26.18 18.41
CA PRO F 20 36.81 27.33 17.51
C PRO F 20 35.72 28.40 17.69
N ILE F 21 36.12 29.66 17.56
CA ILE F 21 35.28 30.82 17.82
C ILE F 21 34.71 31.26 16.47
N LEU F 22 33.39 31.37 16.35
CA LEU F 22 32.73 31.84 15.14
C LEU F 22 33.36 31.35 13.83
N PRO F 23 33.48 30.03 13.56
CA PRO F 23 33.99 29.57 12.25
C PRO F 23 32.98 29.85 11.13
N SER F 24 33.48 30.29 9.97
CA SER F 24 32.62 30.73 8.88
C SER F 24 32.26 29.55 7.98
N VAL F 25 31.51 28.61 8.54
CA VAL F 25 31.33 27.30 7.92
C VAL F 25 30.72 27.41 6.52
N PRO F 26 29.70 28.26 6.30
CA PRO F 26 29.16 28.46 4.94
C PRO F 26 30.20 28.75 3.85
N SER F 27 31.34 29.36 4.23
CA SER F 27 32.38 29.73 3.28
CA SER F 27 32.37 29.72 3.28
C SER F 27 33.54 28.73 3.31
N TRP F 28 33.45 27.70 4.16
CA TRP F 28 34.51 26.69 4.25
C TRP F 28 34.72 25.99 2.90
N LYS F 29 35.98 25.64 2.64
CA LYS F 29 36.32 24.85 1.48
C LYS F 29 36.62 23.44 1.96
N GLU F 30 36.84 22.53 1.01
CA GLU F 30 37.14 21.14 1.28
C GLU F 30 38.18 21.01 2.38
N ALA F 31 39.25 21.82 2.29
CA ALA F 31 40.39 21.75 3.21
C ALA F 31 39.97 22.01 4.66
N GLU F 32 39.04 22.96 4.87
CA GLU F 32 38.58 23.28 6.22
C GLU F 32 37.69 22.19 6.77
N VAL F 33 36.90 21.56 5.89
CA VAL F 33 36.06 20.44 6.26
C VAL F 33 36.95 19.28 6.71
N GLN F 34 38.03 19.05 5.95
CA GLN F 34 38.98 18.01 6.25
C GLN F 34 39.57 18.22 7.64
N THR F 35 39.98 19.46 7.93
CA THR F 35 40.59 19.78 9.21
C THR F 35 39.62 19.46 10.35
N TRP F 36 38.36 19.86 10.14
CA TRP F 36 37.33 19.67 11.16
C TRP F 36 37.08 18.19 11.43
N LEU F 37 37.09 17.36 10.38
CA LEU F 37 36.91 15.92 10.53
C LEU F 37 38.01 15.33 11.41
N GLN F 38 39.27 15.77 11.22
CA GLN F 38 40.41 15.38 12.04
C GLN F 38 40.17 15.73 13.51
N GLN F 39 39.79 16.98 13.77
CA GLN F 39 39.59 17.49 15.14
C GLN F 39 38.50 16.71 15.89
N ILE F 40 37.49 16.19 15.19
CA ILE F 40 36.39 15.55 15.89
C ILE F 40 36.61 14.02 15.93
N GLY F 41 37.74 13.55 15.41
CA GLY F 41 38.09 12.14 15.43
C GLY F 41 37.41 11.32 14.35
N PHE F 42 37.17 11.94 13.19
CA PHE F 42 36.52 11.24 12.08
C PHE F 42 37.46 11.17 10.87
N SER F 43 38.77 11.09 11.14
CA SER F 43 39.82 11.06 10.11
C SER F 43 39.56 9.92 9.14
N LYS F 44 38.99 8.83 9.66
CA LYS F 44 38.64 7.67 8.87
C LYS F 44 37.81 8.08 7.65
N TYR F 45 37.04 9.17 7.74
CA TYR F 45 36.10 9.56 6.70
C TYR F 45 36.63 10.67 5.80
N CYS F 46 37.85 11.13 6.07
CA CYS F 46 38.46 12.21 5.29
C CYS F 46 38.47 11.85 3.81
N GLU F 47 38.86 10.61 3.49
CA GLU F 47 38.94 10.20 2.10
C GLU F 47 37.60 10.36 1.35
N SER F 48 36.50 9.86 1.95
CA SER F 48 35.17 9.92 1.38
C SER F 48 34.76 11.37 1.15
N PHE F 49 34.97 12.20 2.18
CA PHE F 49 34.58 13.60 2.11
C PHE F 49 35.37 14.33 1.03
N ARG F 50 36.64 13.94 0.85
CA ARG F 50 37.53 14.52 -0.15
C ARG F 50 37.04 14.13 -1.56
N GLU F 51 36.79 12.83 -1.74
CA GLU F 51 36.35 12.28 -3.01
C GLU F 51 35.02 12.91 -3.44
N GLN F 52 34.15 13.19 -2.46
CA GLN F 52 32.81 13.69 -2.71
C GLN F 52 32.80 15.22 -2.77
N GLN F 53 33.95 15.81 -2.43
CA GLN F 53 34.18 17.25 -2.54
C GLN F 53 33.24 18.02 -1.62
N VAL F 54 33.16 17.60 -0.36
CA VAL F 54 32.29 18.22 0.62
C VAL F 54 32.93 19.51 1.10
N ASP F 55 32.27 20.63 0.84
CA ASP F 55 32.67 21.94 1.34
C ASP F 55 31.66 22.34 2.42
N GLY F 56 31.79 23.58 2.88
CA GLY F 56 30.98 24.09 3.97
C GLY F 56 29.47 23.99 3.71
N ASP F 57 29.07 24.44 2.51
CA ASP F 57 27.68 24.47 2.10
C ASP F 57 27.10 23.04 2.13
N LEU F 58 27.86 22.07 1.60
CA LEU F 58 27.40 20.69 1.54
C LEU F 58 27.40 20.06 2.94
N LEU F 59 28.40 20.40 3.76
CA LEU F 59 28.47 19.90 5.12
C LEU F 59 27.23 20.34 5.91
N LEU F 60 26.86 21.62 5.80
CA LEU F 60 25.72 22.14 6.53
C LEU F 60 24.41 21.51 6.07
N ARG F 61 24.36 21.01 4.82
CA ARG F 61 23.13 20.49 4.24
C ARG F 61 23.11 18.95 4.21
N LEU F 62 24.12 18.31 4.81
CA LEU F 62 24.27 16.87 4.80
C LEU F 62 23.05 16.17 5.42
N THR F 63 22.57 15.11 4.77
CA THR F 63 21.46 14.31 5.25
C THR F 63 21.96 12.94 5.70
N GLU F 64 21.16 12.27 6.54
CA GLU F 64 21.32 10.87 6.94
C GLU F 64 21.63 10.00 5.71
N GLU F 65 20.83 10.16 4.64
CA GLU F 65 20.94 9.38 3.40
C GLU F 65 22.31 9.56 2.77
N GLU F 66 22.75 10.82 2.64
CA GLU F 66 24.01 11.10 1.96
C GLU F 66 25.16 10.52 2.77
N LEU F 67 25.03 10.62 4.10
CA LEU F 67 26.06 10.19 5.01
C LEU F 67 26.25 8.69 4.90
N GLN F 68 25.13 7.95 4.87
CA GLN F 68 25.14 6.49 4.77
C GLN F 68 25.60 6.01 3.38
N THR F 69 24.92 6.46 2.32
CA THR F 69 25.12 5.93 0.98
C THR F 69 26.34 6.56 0.29
N ASP F 70 26.45 7.89 0.29
CA ASP F 70 27.48 8.55 -0.51
C ASP F 70 28.82 8.67 0.23
N LEU F 71 28.79 8.69 1.56
CA LEU F 71 30.00 8.89 2.33
C LEU F 71 30.42 7.61 3.07
N GLY F 72 29.58 6.57 3.02
CA GLY F 72 29.95 5.24 3.47
C GLY F 72 29.91 5.06 4.99
N MET F 73 29.10 5.85 5.68
CA MET F 73 29.02 5.76 7.12
C MET F 73 27.84 4.85 7.48
N LYS F 74 28.12 3.53 7.54
CA LYS F 74 27.10 2.48 7.57
C LYS F 74 26.35 2.44 8.89
N SER F 75 27.06 2.72 10.01
CA SER F 75 26.47 2.58 11.33
C SER F 75 25.58 3.77 11.69
N GLY F 76 24.37 3.48 12.16
CA GLY F 76 23.46 4.49 12.68
C GLY F 76 24.01 5.19 13.92
N ILE F 77 24.80 4.47 14.71
CA ILE F 77 25.39 5.01 15.91
C ILE F 77 26.50 6.00 15.51
N THR F 78 27.36 5.60 14.57
CA THR F 78 28.39 6.48 14.05
C THR F 78 27.79 7.75 13.45
N ARG F 79 26.69 7.60 12.71
CA ARG F 79 26.00 8.75 12.13
C ARG F 79 25.48 9.66 13.23
N LYS F 80 24.94 9.07 14.29
CA LYS F 80 24.48 9.85 15.43
C LYS F 80 25.63 10.64 16.05
N ARG F 81 26.82 10.02 16.21
CA ARG F 81 27.98 10.68 16.75
CA ARG F 81 27.98 10.68 16.75
C ARG F 81 28.34 11.86 15.84
N PHE F 82 28.29 11.61 14.53
CA PHE F 82 28.66 12.60 13.53
C PHE F 82 27.74 13.84 13.63
N PHE F 83 26.43 13.60 13.67
CA PHE F 83 25.45 14.67 13.74
C PHE F 83 25.52 15.42 15.08
N ARG F 84 25.98 14.73 16.13
CA ARG F 84 26.19 15.36 17.41
C ARG F 84 27.28 16.43 17.28
N GLU F 85 28.36 16.11 16.57
CA GLU F 85 29.44 17.04 16.29
C GLU F 85 28.99 18.14 15.34
N LEU F 86 28.24 17.79 14.27
CA LEU F 86 27.79 18.76 13.29
C LEU F 86 26.86 19.79 13.94
N THR F 87 26.00 19.33 14.84
CA THR F 87 25.08 20.19 15.56
C THR F 87 25.84 21.23 16.38
N GLU F 88 26.92 20.78 17.04
CA GLU F 88 27.79 21.65 17.80
C GLU F 88 28.38 22.73 16.89
N LEU F 89 28.97 22.30 15.78
CA LEU F 89 29.54 23.21 14.79
C LEU F 89 28.49 24.23 14.31
N LYS F 90 27.29 23.74 14.00
CA LYS F 90 26.24 24.59 13.48
C LYS F 90 25.81 25.61 14.54
N THR F 91 25.88 25.21 15.81
CA THR F 91 25.47 26.05 16.93
C THR F 91 26.40 27.26 17.10
N PHE F 92 27.68 27.10 16.76
CA PHE F 92 28.69 28.11 17.04
C PHE F 92 29.21 28.77 15.78
N ALA F 93 28.56 28.55 14.62
CA ALA F 93 29.13 29.01 13.37
C ALA F 93 28.78 30.48 13.13
N ASN F 94 29.63 31.12 12.31
CA ASN F 94 29.34 32.46 11.81
C ASN F 94 28.61 32.33 10.48
N TYR F 95 27.42 32.90 10.40
CA TYR F 95 26.56 32.79 9.22
C TYR F 95 26.49 34.09 8.41
N SER F 96 27.32 35.08 8.75
CA SER F 96 27.15 36.46 8.30
C SER F 96 27.09 36.57 6.78
N THR F 97 27.92 35.80 6.04
CA THR F 97 27.93 35.81 4.57
C THR F 97 26.53 35.57 3.99
N CYS F 98 25.72 34.68 4.61
CA CYS F 98 24.47 34.22 4.04
CA CYS F 98 24.47 34.22 4.03
C CYS F 98 23.26 34.68 4.85
N ASP F 99 23.49 35.41 5.96
CA ASP F 99 22.42 35.70 6.91
C ASP F 99 22.33 37.22 7.13
N ARG F 100 21.83 37.94 6.13
CA ARG F 100 21.78 39.39 6.13
C ARG F 100 20.94 39.96 7.30
N SER F 101 19.83 39.30 7.66
CA SER F 101 18.93 39.82 8.67
C SER F 101 19.27 39.31 10.08
N ASN F 102 20.37 38.53 10.19
CA ASN F 102 20.83 37.97 11.46
C ASN F 102 19.76 37.09 12.13
N LEU F 103 19.28 36.08 11.39
CA LEU F 103 18.36 35.07 11.93
C LEU F 103 19.05 34.25 13.01
N ALA F 104 20.37 34.09 12.87
CA ALA F 104 21.16 33.34 13.81
C ALA F 104 20.90 33.83 15.24
N ASP F 105 21.00 35.17 15.46
CA ASP F 105 20.86 35.75 16.78
CA ASP F 105 20.86 35.75 16.79
C ASP F 105 19.40 35.63 17.25
N TRP F 106 18.46 35.79 16.32
CA TRP F 106 17.05 35.63 16.63
C TRP F 106 16.77 34.23 17.19
N LEU F 107 17.27 33.19 16.49
CA LEU F 107 17.07 31.81 16.89
C LEU F 107 17.76 31.56 18.23
N GLY F 108 19.00 32.06 18.34
CA GLY F 108 19.81 31.88 19.53
C GLY F 108 19.17 32.48 20.79
N SER F 109 18.48 33.62 20.61
CA SER F 109 17.82 34.31 21.71
CA SER F 109 17.82 34.31 21.71
C SER F 109 16.67 33.48 22.27
N LEU F 110 15.98 32.74 21.38
CA LEU F 110 14.93 31.83 21.75
C LEU F 110 15.47 30.68 22.60
N ASP F 111 16.58 30.08 22.12
CA ASP F 111 17.27 28.96 22.75
C ASP F 111 18.57 28.77 21.99
N PRO F 112 19.76 28.78 22.66
CA PRO F 112 21.03 28.58 21.97
C PRO F 112 21.07 27.40 21.00
N ARG F 113 20.29 26.36 21.28
CA ARG F 113 20.27 25.15 20.48
C ARG F 113 19.58 25.33 19.13
N PHE F 114 18.82 26.41 18.98
CA PHE F 114 18.06 26.68 17.76
C PHE F 114 18.92 27.35 16.68
N ARG F 115 20.08 27.88 17.11
CA ARG F 115 21.01 28.54 16.20
C ARG F 115 21.40 27.59 15.07
N GLN F 116 21.35 26.29 15.37
CA GLN F 116 21.77 25.24 14.44
C GLN F 116 20.90 25.23 13.18
N TYR F 117 19.74 25.88 13.22
CA TYR F 117 18.79 25.82 12.13
C TYR F 117 18.96 26.98 11.15
N THR F 118 19.92 27.86 11.44
CA THR F 118 20.09 29.09 10.66
C THR F 118 20.20 28.78 9.16
N TYR F 119 21.11 27.87 8.78
CA TYR F 119 21.39 27.62 7.39
C TYR F 119 20.18 27.04 6.67
N GLY F 120 19.44 26.17 7.35
CA GLY F 120 18.18 25.67 6.84
C GLY F 120 17.23 26.80 6.47
N LEU F 121 17.07 27.80 7.36
CA LEU F 121 16.16 28.89 7.10
C LEU F 121 16.66 29.81 5.97
N VAL F 122 17.94 30.21 6.02
CA VAL F 122 18.41 31.19 5.06
C VAL F 122 18.54 30.58 3.67
N SER F 123 18.76 29.27 3.60
CA SER F 123 18.86 28.54 2.33
C SER F 123 17.55 28.54 1.54
N CYS F 124 16.39 28.67 2.22
CA CYS F 124 15.11 28.82 1.55
C CYS F 124 14.81 30.29 1.24
N GLY F 125 15.70 31.19 1.64
CA GLY F 125 15.50 32.62 1.41
C GLY F 125 14.66 33.30 2.48
N LEU F 126 14.43 32.62 3.61
CA LEU F 126 13.77 33.26 4.75
C LEU F 126 14.69 34.31 5.39
N ASP F 127 14.06 35.30 6.02
CA ASP F 127 14.73 36.31 6.83
C ASP F 127 13.78 36.70 7.94
N ARG F 128 14.17 37.63 8.81
CA ARG F 128 13.36 38.05 9.94
C ARG F 128 11.96 38.44 9.49
N SER F 129 11.88 39.29 8.45
CA SER F 129 10.62 39.84 7.97
C SER F 129 9.65 38.78 7.43
N LEU F 130 10.16 37.68 6.87
CA LEU F 130 9.34 36.65 6.23
C LEU F 130 8.92 35.56 7.21
N LEU F 131 9.59 35.53 8.37
CA LEU F 131 9.52 34.42 9.28
C LEU F 131 8.09 34.24 9.83
N HIS F 132 7.38 35.35 9.98
CA HIS F 132 6.07 35.36 10.60
CA HIS F 132 6.05 35.42 10.56
C HIS F 132 5.09 34.49 9.81
N ARG F 133 5.32 34.33 8.49
CA ARG F 133 4.37 33.68 7.61
CA ARG F 133 4.38 33.69 7.59
C ARG F 133 4.68 32.19 7.43
N VAL F 134 5.78 31.72 8.01
CA VAL F 134 6.23 30.35 7.78
C VAL F 134 5.25 29.33 8.41
N SER F 135 5.09 28.17 7.75
CA SER F 135 4.19 27.11 8.20
C SER F 135 4.98 25.97 8.82
N GLU F 136 4.27 25.07 9.53
CA GLU F 136 4.92 23.93 10.15
C GLU F 136 5.53 23.03 9.07
N GLN F 137 4.78 22.82 7.99
CA GLN F 137 5.21 21.94 6.93
C GLN F 137 6.55 22.47 6.36
N GLN F 138 6.58 23.78 6.08
CA GLN F 138 7.78 24.45 5.57
C GLN F 138 8.99 24.28 6.49
N LEU F 139 8.82 24.39 7.82
CA LEU F 139 9.93 24.25 8.74
C LEU F 139 10.47 22.81 8.70
N LEU F 140 9.57 21.83 8.51
CA LEU F 140 9.96 20.43 8.47
C LEU F 140 10.59 20.06 7.12
N GLU F 141 9.87 20.31 6.02
CA GLU F 141 10.26 19.80 4.72
C GLU F 141 11.34 20.67 4.09
N ASP F 142 11.17 21.98 4.15
CA ASP F 142 12.04 22.92 3.46
C ASP F 142 13.27 23.27 4.31
N CYS F 143 13.10 23.37 5.65
CA CYS F 143 14.16 23.92 6.49
C CYS F 143 14.87 22.82 7.26
N GLY F 144 14.28 21.64 7.32
CA GLY F 144 14.95 20.47 7.90
C GLY F 144 14.97 20.48 9.43
N ILE F 145 13.92 21.04 10.03
CA ILE F 145 13.77 21.01 11.48
C ILE F 145 12.92 19.79 11.83
N HIS F 146 13.57 18.73 12.31
CA HIS F 146 12.99 17.39 12.45
C HIS F 146 12.27 17.22 13.79
N LEU F 147 12.76 17.88 14.85
CA LEU F 147 12.15 17.80 16.17
C LEU F 147 10.89 18.69 16.25
N GLY F 148 9.75 18.05 16.49
CA GLY F 148 8.47 18.73 16.64
C GLY F 148 8.51 19.83 17.70
N VAL F 149 9.16 19.53 18.83
CA VAL F 149 9.25 20.43 19.96
C VAL F 149 9.86 21.75 19.50
N HIS F 150 10.96 21.62 18.74
CA HIS F 150 11.70 22.77 18.21
C HIS F 150 10.82 23.55 17.22
N ARG F 151 10.20 22.83 16.27
CA ARG F 151 9.33 23.44 15.27
C ARG F 151 8.27 24.31 15.95
N ALA F 152 7.60 23.71 16.96
CA ALA F 152 6.49 24.36 17.63
C ALA F 152 6.95 25.67 18.28
N ARG F 153 8.11 25.61 18.96
CA ARG F 153 8.61 26.77 19.67
C ARG F 153 8.99 27.88 18.69
N ILE F 154 9.61 27.49 17.56
CA ILE F 154 10.09 28.44 16.57
C ILE F 154 8.89 29.11 15.91
N LEU F 155 7.87 28.30 15.60
CA LEU F 155 6.63 28.75 14.99
C LEU F 155 5.94 29.79 15.88
N THR F 156 5.72 29.41 17.14
CA THR F 156 5.12 30.26 18.15
C THR F 156 5.81 31.64 18.20
N ALA F 157 7.13 31.63 18.37
CA ALA F 157 7.88 32.87 18.54
C ALA F 157 7.85 33.70 17.26
N ALA F 158 7.69 33.05 16.11
CA ALA F 158 7.73 33.74 14.83
C ALA F 158 6.44 34.53 14.63
N ARG F 159 5.34 34.02 15.18
CA ARG F 159 4.02 34.63 15.04
C ARG F 159 3.90 35.87 15.92
N GLU F 160 4.73 35.94 16.97
CA GLU F 160 4.60 36.97 18.00
C GLU F 160 5.67 38.05 17.85
N MET F 161 6.50 38.00 16.80
CA MET F 161 7.39 39.12 16.48
C MET F 161 7.01 39.71 15.12
N PRO G 20 23.00 4.79 47.91
CA PRO G 20 24.32 4.81 47.26
C PRO G 20 24.58 6.11 46.51
N ILE G 21 25.59 6.11 45.64
CA ILE G 21 25.82 7.23 44.73
C ILE G 21 25.11 6.94 43.42
N LEU G 22 24.41 7.95 42.88
CA LEU G 22 23.78 7.83 41.57
C LEU G 22 24.80 8.20 40.49
N PRO G 23 25.07 7.31 39.51
CA PRO G 23 26.07 7.59 38.48
C PRO G 23 25.60 8.68 37.50
N SER G 24 26.54 9.52 37.10
CA SER G 24 26.30 10.60 36.15
C SER G 24 26.42 10.09 34.72
N VAL G 25 25.42 9.31 34.30
CA VAL G 25 25.49 8.56 33.06
C VAL G 25 25.63 9.52 31.89
N PRO G 26 24.95 10.69 31.85
CA PRO G 26 25.10 11.63 30.75
C PRO G 26 26.55 11.97 30.44
N SER G 27 27.42 11.96 31.46
CA SER G 27 28.81 12.36 31.33
C SER G 27 29.73 11.16 31.20
N TRP G 28 29.17 9.94 31.22
CA TRP G 28 29.97 8.72 31.10
C TRP G 28 30.76 8.71 29.80
N LYS G 29 31.98 8.16 29.86
CA LYS G 29 32.76 7.91 28.64
C LYS G 29 32.71 6.42 28.34
N GLU G 30 33.30 6.04 27.19
CA GLU G 30 33.34 4.65 26.75
C GLU G 30 33.73 3.70 27.87
N ALA G 31 34.74 4.08 28.67
CA ALA G 31 35.29 3.23 29.72
C ALA G 31 34.24 2.91 30.79
N GLU G 32 33.39 3.88 31.13
CA GLU G 32 32.37 3.67 32.15
C GLU G 32 31.24 2.79 31.62
N VAL G 33 30.93 2.93 30.33
CA VAL G 33 29.96 2.10 29.65
C VAL G 33 30.45 0.64 29.62
N GLN G 34 31.75 0.46 29.34
CA GLN G 34 32.39 -0.86 29.32
C GLN G 34 32.27 -1.52 30.71
N THR G 35 32.56 -0.77 31.77
CA THR G 35 32.45 -1.26 33.15
C THR G 35 31.01 -1.74 33.42
N TRP G 36 30.04 -0.90 33.05
CA TRP G 36 28.63 -1.20 33.27
C TRP G 36 28.21 -2.48 32.56
N LEU G 37 28.67 -2.69 31.32
CA LEU G 37 28.34 -3.89 30.58
C LEU G 37 28.80 -5.14 31.32
N GLN G 38 30.01 -5.07 31.90
CA GLN G 38 30.57 -6.15 32.69
C GLN G 38 29.67 -6.45 33.87
N GLN G 39 29.30 -5.40 34.64
CA GLN G 39 28.49 -5.56 35.83
C GLN G 39 27.13 -6.21 35.57
N ILE G 40 26.56 -6.03 34.38
CA ILE G 40 25.22 -6.52 34.11
C ILE G 40 25.28 -7.84 33.35
N GLY G 41 26.48 -8.35 33.14
CA GLY G 41 26.63 -9.66 32.51
C GLY G 41 26.53 -9.61 30.98
N PHE G 42 26.95 -8.50 30.38
CA PHE G 42 26.86 -8.34 28.94
C PHE G 42 28.24 -8.15 28.34
N SER G 43 29.26 -8.76 28.98
CA SER G 43 30.66 -8.64 28.58
CA SER G 43 30.66 -8.62 28.56
C SER G 43 30.84 -9.04 27.11
N LYS G 44 30.01 -10.00 26.68
CA LYS G 44 29.97 -10.45 25.29
C LYS G 44 29.87 -9.27 24.32
N TYR G 45 29.24 -8.15 24.74
CA TYR G 45 28.93 -7.05 23.84
C TYR G 45 29.94 -5.91 23.97
N CYS G 46 30.90 -6.05 24.89
CA CYS G 46 31.89 -5.01 25.15
C CYS G 46 32.58 -4.57 23.85
N GLU G 47 32.98 -5.53 23.03
CA GLU G 47 33.72 -5.24 21.81
C GLU G 47 32.90 -4.36 20.86
N SER G 48 31.63 -4.71 20.63
CA SER G 48 30.76 -3.95 19.74
C SER G 48 30.57 -2.52 20.26
N PHE G 49 30.33 -2.38 21.55
CA PHE G 49 30.11 -1.08 22.16
C PHE G 49 31.37 -0.23 22.08
N ARG G 50 32.56 -0.86 22.18
CA ARG G 50 33.86 -0.21 22.06
CA ARG G 50 33.86 -0.21 22.06
C ARG G 50 34.04 0.26 20.62
N GLU G 51 33.79 -0.64 19.65
CA GLU G 51 33.99 -0.37 18.26
C GLU G 51 33.10 0.80 17.83
N GLN G 52 31.88 0.84 18.36
CA GLN G 52 30.87 1.82 17.98
C GLN G 52 31.01 3.10 18.82
N GLN G 53 31.90 3.07 19.81
CA GLN G 53 32.26 4.23 20.60
C GLN G 53 31.05 4.76 21.39
N VAL G 54 30.34 3.84 22.04
CA VAL G 54 29.17 4.16 22.83
C VAL G 54 29.61 4.80 24.15
N ASP G 55 29.23 6.07 24.32
CA ASP G 55 29.42 6.79 25.56
C ASP G 55 28.06 6.91 26.26
N GLY G 56 28.03 7.67 27.36
CA GLY G 56 26.82 7.82 28.15
C GLY G 56 25.63 8.37 27.35
N ASP G 57 25.89 9.42 26.57
CA ASP G 57 24.87 10.08 25.78
C ASP G 57 24.26 9.07 24.80
N LEU G 58 25.10 8.30 24.12
CA LEU G 58 24.61 7.34 23.14
C LEU G 58 23.91 6.15 23.81
N LEU G 59 24.44 5.73 24.98
CA LEU G 59 23.82 4.67 25.75
C LEU G 59 22.38 5.06 26.13
N LEU G 60 22.20 6.28 26.62
CA LEU G 60 20.90 6.74 27.05
C LEU G 60 19.91 6.83 25.88
N ARG G 61 20.42 7.01 24.66
CA ARG G 61 19.58 7.28 23.51
C ARG G 61 19.48 6.04 22.59
N LEU G 62 20.00 4.90 23.05
CA LEU G 62 20.05 3.68 22.29
C LEU G 62 18.64 3.19 21.90
N THR G 63 18.47 2.79 20.65
CA THR G 63 17.22 2.26 20.14
C THR G 63 17.34 0.76 19.86
N GLU G 64 16.18 0.10 19.77
CA GLU G 64 16.05 -1.30 19.37
C GLU G 64 16.87 -1.53 18.10
N GLU G 65 16.69 -0.64 17.12
CA GLU G 65 17.31 -0.74 15.80
C GLU G 65 18.83 -0.75 15.93
N GLU G 66 19.36 0.20 16.72
CA GLU G 66 20.80 0.37 16.84
C GLU G 66 21.39 -0.87 17.53
N LEU G 67 20.64 -1.38 18.50
CA LEU G 67 21.06 -2.51 19.31
C LEU G 67 21.19 -3.75 18.42
N GLN G 68 20.19 -3.95 17.54
CA GLN G 68 20.14 -5.12 16.66
C GLN G 68 21.17 -5.01 15.55
N THR G 69 21.13 -3.91 14.78
CA THR G 69 21.90 -3.76 13.55
C THR G 69 23.35 -3.35 13.83
N ASP G 70 23.55 -2.32 14.65
CA ASP G 70 24.87 -1.73 14.79
C ASP G 70 25.68 -2.43 15.89
N LEU G 71 25.00 -3.01 16.88
CA LEU G 71 25.71 -3.61 18.01
C LEU G 71 25.63 -5.14 17.96
N GLY G 72 24.84 -5.68 17.02
CA GLY G 72 24.83 -7.12 16.73
C GLY G 72 24.09 -7.98 17.75
N MET G 73 23.11 -7.39 18.44
CA MET G 73 22.31 -8.11 19.40
C MET G 73 21.05 -8.64 18.69
N LYS G 74 21.18 -9.86 18.14
CA LYS G 74 20.22 -10.42 17.18
C LYS G 74 18.91 -10.83 17.86
N SER G 75 19.00 -11.35 19.08
CA SER G 75 17.82 -11.87 19.75
C SER G 75 16.97 -10.76 20.37
N GLY G 76 15.66 -10.83 20.08
CA GLY G 76 14.71 -9.94 20.72
C GLY G 76 14.63 -10.14 22.23
N ILE G 77 14.82 -11.40 22.66
CA ILE G 77 14.83 -11.68 24.09
C ILE G 77 16.04 -11.04 24.76
N THR G 78 17.21 -11.20 24.16
CA THR G 78 18.42 -10.59 24.67
C THR G 78 18.27 -9.06 24.73
N ARG G 79 17.66 -8.47 23.70
CA ARG G 79 17.44 -7.04 23.67
C ARG G 79 16.52 -6.62 24.81
N LYS G 80 15.49 -7.42 25.06
CA LYS G 80 14.60 -7.18 26.19
C LYS G 80 15.36 -7.22 27.53
N ARG G 81 16.26 -8.20 27.69
CA ARG G 81 17.08 -8.29 28.90
C ARG G 81 17.95 -7.04 29.04
N PHE G 82 18.51 -6.58 27.91
CA PHE G 82 19.38 -5.43 27.90
C PHE G 82 18.62 -4.19 28.35
N PHE G 83 17.45 -3.97 27.76
CA PHE G 83 16.66 -2.79 28.05
C PHE G 83 16.16 -2.82 29.49
N ARG G 84 16.02 -4.03 30.04
CA ARG G 84 15.61 -4.19 31.43
C ARG G 84 16.69 -3.56 32.31
N GLU G 85 17.95 -3.86 32.02
CA GLU G 85 19.09 -3.32 32.73
C GLU G 85 19.25 -1.81 32.48
N LEU G 86 19.06 -1.37 31.22
CA LEU G 86 19.22 0.03 30.87
C LEU G 86 18.17 0.89 31.58
N THR G 87 16.94 0.37 31.67
CA THR G 87 15.85 1.05 32.37
C THR G 87 16.20 1.25 33.83
N GLU G 88 16.81 0.23 34.45
CA GLU G 88 17.26 0.31 35.83
C GLU G 88 18.27 1.45 35.95
N LEU G 89 19.30 1.43 35.09
CA LEU G 89 20.33 2.47 35.08
C LEU G 89 19.69 3.85 34.95
N LYS G 90 18.76 3.99 34.00
CA LYS G 90 18.16 5.27 33.73
C LYS G 90 17.35 5.74 34.93
N THR G 91 16.80 4.80 35.69
CA THR G 91 15.93 5.09 36.82
C THR G 91 16.74 5.73 37.95
N PHE G 92 17.98 5.29 38.09
CA PHE G 92 18.84 5.67 39.21
C PHE G 92 20.06 6.45 38.72
N ALA G 93 19.90 7.25 37.66
CA ALA G 93 21.00 8.05 37.17
C ALA G 93 20.90 9.48 37.67
N ASN G 94 22.06 10.14 37.73
CA ASN G 94 22.12 11.55 38.06
C ASN G 94 22.10 12.37 36.76
N TYR G 95 21.09 13.25 36.63
CA TYR G 95 20.88 14.01 35.40
C TYR G 95 21.15 15.50 35.60
N SER G 96 21.76 15.86 36.74
CA SER G 96 21.82 17.25 37.18
C SER G 96 22.53 18.14 36.14
N THR G 97 23.60 17.66 35.49
CA THR G 97 24.34 18.47 34.52
C THR G 97 23.42 18.95 33.40
N CYS G 98 22.44 18.12 32.99
CA CYS G 98 21.65 18.37 31.79
CA CYS G 98 21.65 18.39 31.80
C CYS G 98 20.19 18.68 32.13
N ASP G 99 19.83 18.67 33.42
CA ASP G 99 18.44 18.78 33.84
C ASP G 99 18.28 19.96 34.81
N ARG G 100 18.35 21.18 34.27
CA ARG G 100 18.33 22.42 35.04
C ARG G 100 17.07 22.52 35.91
N SER G 101 15.91 22.18 35.34
CA SER G 101 14.65 22.42 35.98
C SER G 101 14.22 21.24 36.85
N ASN G 102 15.08 20.21 36.94
CA ASN G 102 14.83 19.01 37.74
C ASN G 102 13.55 18.29 37.30
N LEU G 103 13.49 17.91 36.01
CA LEU G 103 12.40 17.09 35.47
C LEU G 103 12.45 15.69 36.07
N ALA G 104 13.65 15.25 36.42
CA ALA G 104 13.85 13.94 37.05
C ALA G 104 12.92 13.77 38.25
N ASP G 105 12.92 14.74 39.18
CA ASP G 105 12.13 14.64 40.40
C ASP G 105 10.65 14.76 40.10
N TRP G 106 10.30 15.63 39.15
CA TRP G 106 8.91 15.77 38.72
C TRP G 106 8.35 14.45 38.21
N LEU G 107 9.11 13.77 37.33
CA LEU G 107 8.73 12.48 36.77
C LEU G 107 8.64 11.44 37.87
N GLY G 108 9.66 11.41 38.73
CA GLY G 108 9.76 10.47 39.84
C GLY G 108 8.60 10.57 40.84
N SER G 109 8.12 11.81 41.07
CA SER G 109 7.01 12.06 41.97
CA SER G 109 7.00 12.07 41.97
C SER G 109 5.71 11.45 41.43
N LEU G 110 5.53 11.48 40.11
CA LEU G 110 4.41 10.86 39.43
C LEU G 110 4.45 9.34 39.61
N ASP G 111 5.62 8.73 39.36
CA ASP G 111 5.88 7.31 39.46
C ASP G 111 7.38 7.13 39.36
N PRO G 112 8.07 6.46 40.32
CA PRO G 112 9.52 6.27 40.26
C PRO G 112 10.05 5.75 38.93
N ARG G 113 9.20 4.98 38.22
CA ARG G 113 9.58 4.33 36.98
C ARG G 113 9.66 5.32 35.81
N PHE G 114 9.10 6.53 35.99
CA PHE G 114 9.06 7.55 34.94
C PHE G 114 10.36 8.35 34.89
N ARG G 115 11.18 8.24 35.95
CA ARG G 115 12.46 8.92 36.01
CA ARG G 115 12.46 8.92 36.01
C ARG G 115 13.32 8.52 34.80
N GLN G 116 13.07 7.34 34.26
CA GLN G 116 13.84 6.78 33.16
C GLN G 116 13.72 7.65 31.90
N TYR G 117 12.72 8.52 31.84
CA TYR G 117 12.40 9.29 30.64
C TYR G 117 13.07 10.67 30.67
N THR G 118 13.81 10.95 31.75
CA THR G 118 14.44 12.25 31.93
C THR G 118 15.26 12.70 30.70
N TYR G 119 16.16 11.83 30.22
CA TYR G 119 17.10 12.22 29.19
C TYR G 119 16.38 12.43 27.88
N GLY G 120 15.37 11.60 27.62
CA GLY G 120 14.51 11.80 26.47
C GLY G 120 13.90 13.22 26.45
N LEU G 121 13.37 13.69 27.60
CA LEU G 121 12.72 14.99 27.65
C LEU G 121 13.74 16.13 27.55
N VAL G 122 14.85 16.05 28.31
CA VAL G 122 15.80 17.15 28.32
C VAL G 122 16.58 17.26 27.00
N SER G 123 16.73 16.13 26.28
CA SER G 123 17.39 16.09 24.98
C SER G 123 16.63 16.85 23.89
N CYS G 124 15.30 17.01 24.03
CA CYS G 124 14.54 17.87 23.12
C CYS G 124 14.50 19.32 23.59
N GLY G 125 15.11 19.61 24.74
CA GLY G 125 15.10 20.95 25.28
C GLY G 125 13.83 21.30 26.06
N LEU G 126 13.06 20.28 26.43
CA LEU G 126 11.97 20.45 27.38
C LEU G 126 12.51 20.72 28.79
N ASP G 127 11.71 21.45 29.56
CA ASP G 127 11.89 21.71 30.98
C ASP G 127 10.52 21.82 31.60
N ARG G 128 10.45 22.06 32.92
CA ARG G 128 9.18 22.15 33.63
C ARG G 128 8.23 23.15 32.95
N SER G 129 8.74 24.34 32.63
CA SER G 129 7.92 25.42 32.08
C SER G 129 7.31 25.07 30.72
N LEU G 130 8.00 24.25 29.92
CA LEU G 130 7.57 23.96 28.55
C LEU G 130 6.68 22.73 28.49
N LEU G 131 6.70 21.95 29.58
CA LEU G 131 6.10 20.63 29.60
C LEU G 131 4.59 20.69 29.36
N HIS G 132 3.94 21.76 29.83
CA HIS G 132 2.48 21.89 29.74
C HIS G 132 2.01 21.84 28.28
N ARG G 133 2.87 22.25 27.33
CA ARG G 133 2.48 22.45 25.95
C ARG G 133 2.75 21.19 25.11
N VAL G 134 3.34 20.16 25.72
CA VAL G 134 3.82 19.03 24.95
C VAL G 134 2.65 18.20 24.43
N SER G 135 2.80 17.60 23.25
CA SER G 135 1.76 16.78 22.61
C SER G 135 2.09 15.29 22.73
N GLU G 136 1.09 14.44 22.48
CA GLU G 136 1.32 13.00 22.58
C GLU G 136 2.32 12.57 21.51
N GLN G 137 2.20 13.11 20.29
CA GLN G 137 3.11 12.82 19.20
C GLN G 137 4.56 13.13 19.61
N GLN G 138 4.77 14.32 20.18
CA GLN G 138 6.07 14.74 20.68
C GLN G 138 6.66 13.77 21.70
N LEU G 139 5.84 13.28 22.66
CA LEU G 139 6.35 12.38 23.68
C LEU G 139 6.81 11.06 23.07
N LEU G 140 6.13 10.66 21.98
CA LEU G 140 6.42 9.40 21.31
C LEU G 140 7.63 9.55 20.40
N GLU G 141 7.56 10.49 19.46
CA GLU G 141 8.54 10.62 18.38
C GLU G 141 9.81 11.30 18.87
N ASP G 142 9.68 12.40 19.63
CA ASP G 142 10.80 13.23 20.00
C ASP G 142 11.44 12.71 21.30
N CYS G 143 10.63 12.20 22.23
CA CYS G 143 11.14 11.89 23.56
C CYS G 143 11.34 10.38 23.75
N GLY G 144 10.78 9.57 22.85
CA GLY G 144 11.00 8.13 22.87
C GLY G 144 10.28 7.41 24.01
N ILE G 145 9.10 7.90 24.38
CA ILE G 145 8.27 7.22 25.37
C ILE G 145 7.29 6.31 24.62
N HIS G 146 7.57 5.00 24.65
CA HIS G 146 6.95 4.02 23.76
C HIS G 146 5.64 3.49 24.32
N LEU G 147 5.53 3.39 25.65
CA LEU G 147 4.32 2.92 26.31
C LEU G 147 3.25 4.01 26.36
N GLY G 148 2.13 3.77 25.69
CA GLY G 148 0.97 4.66 25.68
C GLY G 148 0.49 5.03 27.09
N VAL G 149 0.46 4.04 28.01
CA VAL G 149 0.02 4.25 29.37
C VAL G 149 0.86 5.35 30.02
N HIS G 150 2.18 5.27 29.81
CA HIS G 150 3.13 6.20 30.40
C HIS G 150 2.92 7.59 29.79
N ARG G 151 2.81 7.63 28.46
CA ARG G 151 2.61 8.88 27.74
C ARG G 151 1.39 9.60 28.31
N ALA G 152 0.28 8.87 28.43
CA ALA G 152 -0.99 9.43 28.84
C ALA G 152 -0.88 10.03 30.25
N ARG G 153 -0.22 9.31 31.15
CA ARG G 153 -0.08 9.78 32.51
C ARG G 153 0.79 11.03 32.57
N ILE G 154 1.87 11.05 31.77
CA ILE G 154 2.78 12.17 31.77
C ILE G 154 2.10 13.41 31.19
N LEU G 155 1.35 13.22 30.11
CA LEU G 155 0.58 14.26 29.43
C LEU G 155 -0.42 14.88 30.40
N THR G 156 -1.24 14.03 31.04
CA THR G 156 -2.24 14.43 32.00
C THR G 156 -1.61 15.32 33.08
N ALA G 157 -0.53 14.84 33.71
CA ALA G 157 0.09 15.54 34.82
C ALA G 157 0.73 16.84 34.35
N ALA G 158 1.10 16.91 33.07
CA ALA G 158 1.75 18.09 32.54
C ALA G 158 0.74 19.22 32.36
N ARG G 159 -0.51 18.85 32.04
CA ARG G 159 -1.57 19.82 31.80
C ARG G 159 -2.09 20.42 33.10
N GLU G 160 -1.84 19.75 34.23
CA GLU G 160 -2.30 20.20 35.53
C GLU G 160 -1.16 20.86 36.33
N MET G 161 -0.20 21.45 35.60
CA MET G 161 0.90 22.21 36.19
C MET G 161 0.60 23.70 36.22
N LEU G 162 1.64 24.47 36.57
CA LEU G 162 1.65 25.93 36.52
C LEU G 162 1.92 26.41 35.09
N HIS G 163 1.05 27.30 34.59
CA HIS G 163 0.91 27.58 33.17
C HIS G 163 1.50 28.95 32.83
N SER G 164 2.63 29.27 33.47
CA SER G 164 3.40 30.47 33.19
C SER G 164 4.82 30.07 32.77
N GLU H 16 -2.74 -34.02 36.87
CA GLU H 16 -1.73 -33.97 35.77
C GLU H 16 -1.24 -32.52 35.60
N VAL H 17 -1.71 -31.65 36.51
CA VAL H 17 -1.41 -30.22 36.49
C VAL H 17 0.03 -30.01 36.98
N PRO H 18 0.85 -29.17 36.30
CA PRO H 18 2.26 -28.97 36.69
C PRO H 18 2.44 -28.42 38.10
N ARG H 19 3.43 -28.96 38.81
CA ARG H 19 3.71 -28.64 40.20
C ARG H 19 4.95 -27.74 40.26
N PRO H 20 5.04 -26.71 41.12
CA PRO H 20 4.01 -26.36 42.10
C PRO H 20 2.76 -25.69 41.51
N ILE H 21 1.63 -25.85 42.18
CA ILE H 21 0.45 -25.08 41.85
C ILE H 21 0.54 -23.72 42.55
N LEU H 22 -0.04 -22.71 41.88
CA LEU H 22 -0.16 -21.35 42.39
C LEU H 22 1.23 -20.72 42.57
N PRO H 23 2.09 -20.88 41.55
CA PRO H 23 3.51 -20.55 41.66
C PRO H 23 3.78 -19.05 41.56
N SER H 24 4.88 -18.60 42.17
CA SER H 24 5.34 -17.22 42.09
C SER H 24 6.18 -16.96 40.86
N VAL H 25 5.50 -17.03 39.71
CA VAL H 25 6.16 -17.01 38.40
C VAL H 25 7.00 -15.74 38.23
N PRO H 26 6.53 -14.53 38.66
CA PRO H 26 7.33 -13.31 38.53
C PRO H 26 8.75 -13.44 39.09
N SER H 27 8.91 -14.29 40.10
CA SER H 27 10.18 -14.42 40.79
CA SER H 27 10.18 -14.42 40.79
C SER H 27 10.97 -15.63 40.30
N TRP H 28 10.38 -16.42 39.38
CA TRP H 28 11.04 -17.60 38.83
C TRP H 28 12.40 -17.25 38.20
N LYS H 29 13.38 -18.13 38.39
CA LYS H 29 14.63 -18.01 37.65
C LYS H 29 14.63 -19.04 36.53
N GLU H 30 15.72 -19.05 35.75
CA GLU H 30 15.89 -19.96 34.63
C GLU H 30 15.56 -21.40 35.01
N ALA H 31 16.06 -21.85 36.17
CA ALA H 31 15.85 -23.21 36.66
C ALA H 31 14.38 -23.59 36.82
N GLU H 32 13.55 -22.67 37.31
CA GLU H 32 12.14 -22.97 37.50
C GLU H 32 11.38 -22.99 36.17
N VAL H 33 11.81 -22.14 35.23
CA VAL H 33 11.29 -22.15 33.87
C VAL H 33 11.60 -23.50 33.21
N GLN H 34 12.83 -23.98 33.40
CA GLN H 34 13.30 -25.25 32.88
C GLN H 34 12.40 -26.39 33.38
N THR H 35 12.15 -26.37 34.70
CA THR H 35 11.34 -27.42 35.32
C THR H 35 9.93 -27.44 34.73
N TRP H 36 9.35 -26.24 34.56
CA TRP H 36 7.99 -26.12 34.02
C TRP H 36 7.92 -26.64 32.58
N LEU H 37 8.96 -26.37 31.76
CA LEU H 37 9.01 -26.84 30.38
C LEU H 37 8.93 -28.37 30.35
N GLN H 38 9.66 -29.03 31.26
CA GLN H 38 9.69 -30.48 31.39
C GLN H 38 8.29 -31.00 31.71
N GLN H 39 7.65 -30.37 32.70
CA GLN H 39 6.31 -30.78 33.15
C GLN H 39 5.24 -30.69 32.06
N ILE H 40 5.38 -29.74 31.12
CA ILE H 40 4.35 -29.52 30.14
C ILE H 40 4.71 -30.23 28.84
N GLY H 41 5.81 -30.99 28.84
CA GLY H 41 6.18 -31.78 27.68
C GLY H 41 6.86 -30.98 26.57
N PHE H 42 7.62 -29.94 26.96
CA PHE H 42 8.35 -29.12 26.01
C PHE H 42 9.86 -29.21 26.27
N SER H 43 10.33 -30.37 26.75
CA SER H 43 11.74 -30.60 27.07
C SER H 43 12.62 -30.28 25.87
N LYS H 44 12.11 -30.55 24.67
CA LYS H 44 12.78 -30.28 23.42
C LYS H 44 13.22 -28.82 23.35
N TYR H 45 12.56 -27.90 24.07
CA TYR H 45 12.84 -26.48 23.96
C TYR H 45 13.70 -25.96 25.13
N CYS H 46 14.01 -26.84 26.08
CA CYS H 46 14.80 -26.47 27.24
C CYS H 46 16.09 -25.75 26.83
N GLU H 47 16.79 -26.28 25.83
CA GLU H 47 18.07 -25.74 25.39
C GLU H 47 17.94 -24.29 24.93
N SER H 48 16.95 -24.01 24.06
CA SER H 48 16.70 -22.67 23.55
C SER H 48 16.38 -21.69 24.69
N PHE H 49 15.51 -22.12 25.63
CA PHE H 49 15.11 -21.30 26.75
C PHE H 49 16.32 -20.98 27.64
N ARG H 50 17.24 -21.95 27.74
CA ARG H 50 18.41 -21.83 28.58
C ARG H 50 19.37 -20.84 27.93
N GLU H 51 19.59 -21.03 26.63
CA GLU H 51 20.51 -20.21 25.85
C GLU H 51 20.06 -18.75 25.89
N GLN H 52 18.73 -18.54 25.82
CA GLN H 52 18.13 -17.22 25.75
C GLN H 52 17.91 -16.64 27.14
N GLN H 53 18.16 -17.44 28.18
CA GLN H 53 18.12 -17.02 29.56
C GLN H 53 16.73 -16.55 29.96
N VAL H 54 15.71 -17.32 29.59
CA VAL H 54 14.34 -17.00 29.93
C VAL H 54 14.08 -17.26 31.42
N ASP H 55 13.77 -16.19 32.15
CA ASP H 55 13.32 -16.25 33.54
C ASP H 55 11.81 -15.99 33.60
N GLY H 56 11.28 -15.88 34.83
CA GLY H 56 9.87 -15.68 35.07
C GLY H 56 9.32 -14.47 34.33
N ASP H 57 10.01 -13.34 34.53
CA ASP H 57 9.62 -12.09 33.93
C ASP H 57 9.50 -12.21 32.40
N LEU H 58 10.51 -12.85 31.77
CA LEU H 58 10.53 -12.95 30.33
C LEU H 58 9.49 -13.96 29.85
N LEU H 59 9.29 -15.05 30.61
CA LEU H 59 8.30 -16.03 30.26
C LEU H 59 6.91 -15.39 30.23
N LEU H 60 6.60 -14.55 31.23
CA LEU H 60 5.29 -13.94 31.34
C LEU H 60 5.04 -12.95 30.21
N ARG H 61 6.13 -12.43 29.61
CA ARG H 61 6.02 -11.37 28.62
C ARG H 61 6.30 -11.91 27.21
N LEU H 62 6.46 -13.23 27.07
CA LEU H 62 6.85 -13.85 25.81
C LEU H 62 5.83 -13.56 24.71
N THR H 63 6.31 -13.21 23.51
CA THR H 63 5.46 -12.97 22.34
C THR H 63 5.57 -14.10 21.31
N GLU H 64 4.57 -14.19 20.43
CA GLU H 64 4.58 -15.07 19.27
C GLU H 64 5.93 -14.95 18.53
N GLU H 65 6.34 -13.72 18.23
CA GLU H 65 7.55 -13.38 17.51
C GLU H 65 8.80 -13.95 18.19
N GLU H 66 8.95 -13.73 19.50
CA GLU H 66 10.10 -14.23 20.24
C GLU H 66 10.13 -15.77 20.25
N LEU H 67 8.95 -16.37 20.35
CA LEU H 67 8.80 -17.81 20.43
C LEU H 67 9.24 -18.45 19.10
N GLN H 68 8.83 -17.84 17.97
CA GLN H 68 9.16 -18.34 16.64
C GLN H 68 10.65 -18.10 16.31
N THR H 69 11.09 -16.84 16.40
CA THR H 69 12.38 -16.41 15.91
C THR H 69 13.51 -16.71 16.90
N ASP H 70 13.33 -16.36 18.17
CA ASP H 70 14.43 -16.42 19.11
C ASP H 70 14.48 -17.77 19.81
N LEU H 71 13.37 -18.50 19.89
CA LEU H 71 13.34 -19.74 20.63
C LEU H 71 13.15 -20.92 19.67
N GLY H 72 12.94 -20.63 18.37
CA GLY H 72 12.99 -21.64 17.33
C GLY H 72 11.76 -22.55 17.29
N MET H 73 10.61 -22.05 17.73
CA MET H 73 9.38 -22.81 17.67
C MET H 73 8.64 -22.45 16.36
N LYS H 74 8.95 -23.20 15.29
CA LYS H 74 8.61 -22.84 13.92
C LYS H 74 7.12 -23.07 13.64
N SER H 75 6.54 -24.11 14.23
CA SER H 75 5.13 -24.46 14.01
C SER H 75 4.15 -23.57 14.78
N GLY H 76 3.18 -23.02 14.06
CA GLY H 76 2.08 -22.27 14.65
C GLY H 76 1.23 -23.15 15.59
N ILE H 77 1.13 -24.44 15.27
CA ILE H 77 0.37 -25.35 16.09
C ILE H 77 1.13 -25.60 17.40
N THR H 78 2.45 -25.81 17.32
CA THR H 78 3.25 -25.97 18.51
C THR H 78 3.19 -24.71 19.38
N ARG H 79 3.24 -23.54 18.76
CA ARG H 79 3.14 -22.29 19.50
C ARG H 79 1.79 -22.20 20.20
N LYS H 80 0.74 -22.64 19.52
CA LYS H 80 -0.60 -22.66 20.09
C LYS H 80 -0.64 -23.57 21.32
N ARG H 81 0.00 -24.76 21.23
CA ARG H 81 0.07 -25.67 22.37
CA ARG H 81 0.07 -25.67 22.37
C ARG H 81 0.82 -25.00 23.52
N PHE H 82 1.90 -24.31 23.18
CA PHE H 82 2.71 -23.63 24.18
C PHE H 82 1.90 -22.57 24.92
N PHE H 83 1.23 -21.69 24.16
CA PHE H 83 0.44 -20.61 24.72
C PHE H 83 -0.75 -21.12 25.53
N ARG H 84 -1.20 -22.33 25.20
CA ARG H 84 -2.28 -22.96 25.94
C ARG H 84 -1.79 -23.22 27.36
N GLU H 85 -0.58 -23.77 27.47
CA GLU H 85 0.06 -24.06 28.74
C GLU H 85 0.41 -22.76 29.48
N LEU H 86 0.96 -21.77 28.76
CA LEU H 86 1.37 -20.53 29.38
C LEU H 86 0.15 -19.78 29.96
N THR H 87 -0.97 -19.82 29.25
CA THR H 87 -2.20 -19.20 29.69
C THR H 87 -2.66 -19.81 31.01
N GLU H 88 -2.56 -21.13 31.12
CA GLU H 88 -2.94 -21.86 32.31
C GLU H 88 -2.05 -21.39 33.49
N LEU H 89 -0.74 -21.33 33.25
CA LEU H 89 0.22 -20.91 34.25
C LEU H 89 -0.10 -19.50 34.69
N LYS H 90 -0.35 -18.62 33.72
CA LYS H 90 -0.63 -17.23 34.04
C LYS H 90 -1.91 -17.10 34.85
N THR H 91 -2.89 -17.97 34.59
CA THR H 91 -4.20 -17.89 35.22
C THR H 91 -4.11 -18.21 36.71
N PHE H 92 -3.18 -19.10 37.08
CA PHE H 92 -3.11 -19.60 38.44
C PHE H 92 -1.89 -19.11 39.19
N ALA H 93 -1.19 -18.09 38.64
CA ALA H 93 0.09 -17.68 39.23
C ALA H 93 -0.14 -16.70 40.36
N ASN H 94 0.84 -16.64 41.25
CA ASN H 94 0.81 -15.71 42.38
C ASN H 94 1.56 -14.44 41.97
N TYR H 95 0.84 -13.30 41.97
CA TYR H 95 1.38 -12.04 41.47
C TYR H 95 1.61 -11.03 42.60
N SER H 96 1.59 -11.52 43.85
CA SER H 96 1.54 -10.66 45.02
C SER H 96 2.72 -9.69 45.09
N THR H 97 3.91 -10.19 44.75
CA THR H 97 5.14 -9.40 44.76
C THR H 97 5.01 -8.14 43.89
N CYS H 98 4.30 -8.23 42.75
CA CYS H 98 4.27 -7.16 41.76
CA CYS H 98 4.27 -7.16 41.76
C CYS H 98 2.89 -6.51 41.63
N ASP H 99 1.90 -6.99 42.41
CA ASP H 99 0.53 -6.53 42.22
C ASP H 99 -0.03 -5.97 43.53
N ARG H 100 0.41 -4.77 43.91
CA ARG H 100 0.08 -4.17 45.20
C ARG H 100 -1.43 -3.93 45.31
N SER H 101 -2.08 -3.52 44.20
CA SER H 101 -3.48 -3.14 44.28
C SER H 101 -4.42 -4.33 44.06
N ASN H 102 -3.85 -5.52 43.92
CA ASN H 102 -4.58 -6.75 43.70
C ASN H 102 -5.47 -6.65 42.45
N LEU H 103 -4.87 -6.36 41.29
CA LEU H 103 -5.58 -6.38 40.02
C LEU H 103 -5.97 -7.81 39.67
N ALA H 104 -5.15 -8.76 40.11
CA ALA H 104 -5.45 -10.17 39.88
C ALA H 104 -6.88 -10.50 40.29
N ASP H 105 -7.30 -10.13 41.52
CA ASP H 105 -8.62 -10.47 42.05
C ASP H 105 -9.71 -9.69 41.32
N TRP H 106 -9.41 -8.45 40.95
CA TRP H 106 -10.34 -7.64 40.17
C TRP H 106 -10.66 -8.31 38.84
N LEU H 107 -9.60 -8.74 38.13
CA LEU H 107 -9.74 -9.40 36.84
C LEU H 107 -10.50 -10.72 37.02
N GLY H 108 -10.10 -11.47 38.05
CA GLY H 108 -10.66 -12.78 38.36
C GLY H 108 -12.15 -12.73 38.66
N SER H 109 -12.59 -11.64 39.30
CA SER H 109 -13.98 -11.45 39.67
C SER H 109 -14.83 -11.25 38.42
N LEU H 110 -14.26 -10.61 37.39
CA LEU H 110 -14.93 -10.43 36.12
C LEU H 110 -15.11 -11.78 35.43
N ASP H 111 -14.04 -12.57 35.40
CA ASP H 111 -14.00 -13.90 34.79
C ASP H 111 -12.66 -14.52 35.19
N PRO H 112 -12.63 -15.74 35.79
CA PRO H 112 -11.36 -16.35 36.19
C PRO H 112 -10.28 -16.35 35.12
N ARG H 113 -10.68 -16.38 33.85
CA ARG H 113 -9.79 -16.50 32.70
C ARG H 113 -9.00 -15.20 32.47
N PHE H 114 -9.47 -14.09 33.06
CA PHE H 114 -8.90 -12.77 32.84
C PHE H 114 -7.70 -12.53 33.75
N ARG H 115 -7.57 -13.36 34.77
CA ARG H 115 -6.45 -13.27 35.70
C ARG H 115 -5.12 -13.38 34.95
N GLN H 116 -5.14 -14.01 33.77
CA GLN H 116 -3.97 -14.23 32.94
C GLN H 116 -3.34 -12.91 32.47
N TYR H 117 -4.10 -11.80 32.57
CA TYR H 117 -3.65 -10.53 32.04
C TYR H 117 -2.96 -9.70 33.13
N THR H 118 -2.86 -10.25 34.34
CA THR H 118 -2.35 -9.48 35.46
C THR H 118 -0.99 -8.84 35.16
N TYR H 119 -0.03 -9.65 34.71
CA TYR H 119 1.33 -9.20 34.56
C TYR H 119 1.42 -8.14 33.47
N GLY H 120 0.63 -8.33 32.41
CA GLY H 120 0.54 -7.35 31.36
C GLY H 120 0.12 -5.97 31.89
N LEU H 121 -0.88 -5.93 32.78
CA LEU H 121 -1.36 -4.67 33.32
C LEU H 121 -0.35 -4.06 34.32
N VAL H 122 0.15 -4.86 35.26
CA VAL H 122 1.06 -4.30 36.27
C VAL H 122 2.41 -3.89 35.67
N SER H 123 2.84 -4.53 34.58
CA SER H 123 4.10 -4.22 33.91
C SER H 123 4.08 -2.84 33.27
N CYS H 124 2.90 -2.34 32.89
CA CYS H 124 2.78 -0.96 32.41
C CYS H 124 2.62 0.04 33.55
N GLY H 125 2.57 -0.45 34.79
CA GLY H 125 2.38 0.40 35.95
C GLY H 125 0.93 0.74 36.26
N LEU H 126 -0.02 0.04 35.60
CA LEU H 126 -1.42 0.16 35.95
C LEU H 126 -1.68 -0.45 37.32
N ASP H 127 -2.71 0.08 37.99
CA ASP H 127 -3.26 -0.43 39.23
C ASP H 127 -4.76 -0.16 39.20
N ARG H 128 -5.48 -0.53 40.26
CA ARG H 128 -6.92 -0.32 40.32
C ARG H 128 -7.28 1.13 40.04
N SER H 129 -6.59 2.06 40.70
CA SER H 129 -6.91 3.48 40.62
C SER H 129 -6.74 4.05 39.21
N LEU H 130 -5.81 3.50 38.42
CA LEU H 130 -5.49 4.08 37.11
C LEU H 130 -6.31 3.43 36.00
N LEU H 131 -6.94 2.31 36.34
CA LEU H 131 -7.53 1.44 35.34
C LEU H 131 -8.65 2.16 34.59
N HIS H 132 -9.35 3.06 35.29
CA HIS H 132 -10.51 3.76 34.73
C HIS H 132 -10.15 4.53 33.46
N ARG H 133 -8.88 4.96 33.36
CA ARG H 133 -8.44 5.86 32.30
C ARG H 133 -7.92 5.09 31.07
N VAL H 134 -7.82 3.77 31.16
CA VAL H 134 -7.13 3.00 30.14
C VAL H 134 -7.95 2.99 28.85
N SER H 135 -7.26 2.95 27.69
CA SER H 135 -7.89 2.94 26.38
C SER H 135 -7.82 1.54 25.75
N GLU H 136 -8.59 1.33 24.68
CA GLU H 136 -8.57 0.05 23.99
C GLU H 136 -7.18 -0.22 23.38
N GLN H 137 -6.60 0.81 22.81
CA GLN H 137 -5.28 0.71 22.18
CA GLN H 137 -5.29 0.71 22.18
C GLN H 137 -4.26 0.25 23.21
N GLN H 138 -4.29 0.89 24.38
CA GLN H 138 -3.40 0.56 25.49
C GLN H 138 -3.51 -0.90 25.91
N LEU H 139 -4.74 -1.42 26.01
CA LEU H 139 -4.92 -2.79 26.44
C LEU H 139 -4.34 -3.76 25.41
N LEU H 140 -4.41 -3.38 24.12
CA LEU H 140 -3.93 -4.23 23.04
C LEU H 140 -2.40 -4.13 22.93
N GLU H 141 -1.88 -2.90 22.76
CA GLU H 141 -0.48 -2.70 22.41
C GLU H 141 0.42 -2.81 23.65
N ASP H 142 0.02 -2.21 24.75
CA ASP H 142 0.87 -2.11 25.92
C ASP H 142 0.67 -3.31 26.82
N CYS H 143 -0.55 -3.85 26.91
CA CYS H 143 -0.85 -4.86 27.93
C CYS H 143 -0.94 -6.25 27.32
N GLY H 144 -1.00 -6.32 25.98
CA GLY H 144 -0.96 -7.59 25.26
C GLY H 144 -2.23 -8.43 25.41
N ILE H 145 -3.37 -7.76 25.48
CA ILE H 145 -4.65 -8.44 25.48
C ILE H 145 -5.15 -8.49 24.03
N HIS H 146 -5.00 -9.67 23.40
CA HIS H 146 -5.16 -9.84 21.96
C HIS H 146 -6.62 -10.11 21.58
N LEU H 147 -7.39 -10.78 22.46
CA LEU H 147 -8.80 -11.09 22.20
C LEU H 147 -9.68 -9.86 22.44
N GLY H 148 -10.33 -9.40 21.37
CA GLY H 148 -11.26 -8.27 21.40
C GLY H 148 -12.34 -8.40 22.46
N VAL H 149 -12.91 -9.62 22.59
CA VAL H 149 -13.99 -9.88 23.52
C VAL H 149 -13.52 -9.54 24.93
N HIS H 150 -12.30 -9.97 25.26
CA HIS H 150 -11.70 -9.78 26.56
C HIS H 150 -11.43 -8.29 26.79
N ARG H 151 -10.86 -7.61 25.79
CA ARG H 151 -10.54 -6.20 25.88
C ARG H 151 -11.81 -5.42 26.20
N ALA H 152 -12.88 -5.71 25.45
CA ALA H 152 -14.14 -4.98 25.59
C ALA H 152 -14.71 -5.13 27.00
N ARG H 153 -14.67 -6.36 27.53
CA ARG H 153 -15.23 -6.62 28.84
C ARG H 153 -14.41 -5.90 29.91
N ILE H 154 -13.09 -5.92 29.75
CA ILE H 154 -12.20 -5.35 30.75
C ILE H 154 -12.36 -3.84 30.73
N LEU H 155 -12.47 -3.27 29.51
CA LEU H 155 -12.64 -1.84 29.30
C LEU H 155 -13.93 -1.35 29.98
N THR H 156 -15.04 -2.03 29.66
CA THR H 156 -16.36 -1.73 30.20
C THR H 156 -16.30 -1.69 31.73
N ALA H 157 -15.78 -2.76 32.34
CA ALA H 157 -15.77 -2.87 33.79
C ALA H 157 -14.83 -1.83 34.42
N ALA H 158 -13.83 -1.39 33.66
CA ALA H 158 -12.85 -0.44 34.16
C ALA H 158 -13.46 0.95 34.26
N ARG H 159 -14.38 1.26 33.34
CA ARG H 159 -15.00 2.58 33.26
C ARG H 159 -15.99 2.80 34.40
N GLU H 160 -16.45 1.72 35.07
CA GLU H 160 -17.21 1.89 36.32
C GLU H 160 -16.37 1.95 37.61
N MET H 161 -15.86 0.81 38.11
CA MET H 161 -15.10 0.79 39.37
C MET H 161 -15.94 1.45 40.48
#